data_6CKF
#
_entry.id   6CKF
#
_entity_poly.entity_id   1
_entity_poly.type   'polypeptide(L)'
_entity_poly.pdbx_seq_one_letter_code
;ACKDVFPAATCRHAKSVGNCSSEKYKRNCAITCGAC
;
_entity_poly.pdbx_strand_id   A
#
# COMPACT_ATOMS: atom_id res chain seq x y z
N ALA A 1 -9.22 11.58 -3.90
CA ALA A 1 -8.74 11.10 -5.19
C ALA A 1 -7.47 10.26 -5.02
N CYS A 2 -7.60 8.96 -5.20
CA CYS A 2 -6.47 8.05 -5.05
C CYS A 2 -6.80 6.67 -5.64
N LYS A 3 -5.77 5.89 -5.90
CA LYS A 3 -5.95 4.54 -6.45
C LYS A 3 -4.70 3.69 -6.24
N ASP A 4 -4.88 2.44 -5.88
CA ASP A 4 -3.77 1.52 -5.67
C ASP A 4 -3.10 1.15 -6.98
N VAL A 5 -1.89 1.66 -7.18
CA VAL A 5 -1.14 1.37 -8.40
C VAL A 5 -0.48 0.00 -8.34
N PHE A 6 0.09 -0.32 -7.19
CA PHE A 6 0.76 -1.60 -7.00
C PHE A 6 -0.26 -2.74 -6.94
N PRO A 7 0.21 -3.98 -7.17
CA PRO A 7 -0.63 -5.16 -7.14
C PRO A 7 -1.10 -5.51 -5.74
N ALA A 8 -2.34 -6.00 -5.64
CA ALA A 8 -2.90 -6.38 -4.35
C ALA A 8 -2.05 -7.42 -3.64
N ALA A 9 -1.50 -8.35 -4.42
CA ALA A 9 -0.65 -9.41 -3.87
C ALA A 9 0.45 -8.82 -2.99
N THR A 10 1.10 -7.78 -3.49
CA THR A 10 2.18 -7.13 -2.76
C THR A 10 1.63 -6.25 -1.62
N CYS A 11 0.70 -5.37 -1.97
CA CYS A 11 0.09 -4.48 -1.00
C CYS A 11 -0.22 -5.22 0.30
N ARG A 12 -1.13 -6.18 0.22
CA ARG A 12 -1.52 -6.97 1.39
C ARG A 12 -0.28 -7.52 2.10
N HIS A 13 0.70 -7.95 1.33
CA HIS A 13 1.94 -8.49 1.90
C HIS A 13 2.59 -7.49 2.84
N ALA A 14 2.61 -6.23 2.44
CA ALA A 14 3.19 -5.18 3.26
C ALA A 14 2.37 -4.93 4.52
N LYS A 15 1.06 -4.81 4.34
CA LYS A 15 0.15 -4.57 5.46
C LYS A 15 0.24 -5.70 6.48
N SER A 16 0.08 -6.93 6.00
CA SER A 16 0.13 -8.10 6.87
C SER A 16 1.27 -7.97 7.89
N VAL A 17 2.48 -7.77 7.40
CA VAL A 17 3.65 -7.62 8.25
C VAL A 17 3.63 -6.29 8.98
N GLY A 18 3.13 -5.26 8.30
CA GLY A 18 3.07 -3.93 8.90
C GLY A 18 4.16 -3.01 8.37
N ASN A 19 4.48 -3.15 7.10
CA ASN A 19 5.51 -2.32 6.47
C ASN A 19 4.90 -1.09 5.80
N CYS A 20 3.70 -0.72 6.25
CA CYS A 20 3.00 0.44 5.69
C CYS A 20 3.83 1.71 5.86
N SER A 21 4.68 1.72 6.89
CA SER A 21 5.52 2.88 7.17
C SER A 21 6.37 3.23 5.96
N SER A 22 6.86 2.20 5.26
CA SER A 22 7.70 2.41 4.08
C SER A 22 6.92 3.12 2.98
N GLU A 23 7.55 4.11 2.36
CA GLU A 23 6.93 4.87 1.29
C GLU A 23 6.84 4.06 0.01
N LYS A 24 7.82 3.18 -0.18
CA LYS A 24 7.87 2.33 -1.37
C LYS A 24 6.49 1.73 -1.66
N TYR A 25 5.82 1.26 -0.63
CA TYR A 25 4.50 0.67 -0.77
C TYR A 25 3.44 1.52 -0.08
N LYS A 26 3.50 2.83 -0.32
CA LYS A 26 2.54 3.76 0.27
C LYS A 26 2.06 4.78 -0.75
N ARG A 27 2.99 5.24 -1.60
CA ARG A 27 2.65 6.21 -2.64
C ARG A 27 1.76 5.58 -3.71
N ASN A 28 2.11 4.37 -4.12
CA ASN A 28 1.33 3.67 -5.14
C ASN A 28 0.05 3.09 -4.55
N CYS A 29 0.20 2.17 -3.61
CA CYS A 29 -0.95 1.54 -2.96
C CYS A 29 -1.53 2.45 -1.88
N ALA A 30 -2.01 3.61 -2.28
CA ALA A 30 -2.60 4.57 -1.34
C ALA A 30 -3.91 4.04 -0.78
N ILE A 31 -4.69 3.39 -1.62
CA ILE A 31 -5.99 2.83 -1.20
C ILE A 31 -5.80 1.81 -0.08
N THR A 32 -4.67 1.12 -0.09
CA THR A 32 -4.37 0.11 0.92
C THR A 32 -3.66 0.73 2.11
N CYS A 33 -2.51 1.34 1.86
CA CYS A 33 -1.73 1.98 2.91
C CYS A 33 -2.41 3.25 3.41
N GLY A 34 -2.49 4.25 2.53
CA GLY A 34 -3.11 5.50 2.90
C GLY A 34 -4.50 5.31 3.47
N ALA A 35 -5.21 4.30 2.97
CA ALA A 35 -6.57 4.01 3.43
C ALA A 35 -7.52 5.15 3.09
N CYS A 36 -7.49 5.58 1.84
CA CYS A 36 -8.35 6.66 1.39
C CYS A 36 -9.46 6.14 0.48
N ALA A 1 -9.15 10.16 -6.81
CA ALA A 1 -8.38 9.77 -7.98
C ALA A 1 -7.02 9.20 -7.59
N CYS A 2 -6.98 8.52 -6.44
CA CYS A 2 -5.75 7.92 -5.94
C CYS A 2 -5.95 6.45 -5.63
N LYS A 3 -6.31 5.67 -6.64
CA LYS A 3 -6.54 4.24 -6.46
C LYS A 3 -5.21 3.49 -6.31
N ASP A 4 -5.26 2.33 -5.67
CA ASP A 4 -4.06 1.52 -5.47
C ASP A 4 -3.34 1.27 -6.79
N VAL A 5 -2.14 1.84 -6.92
CA VAL A 5 -1.35 1.68 -8.13
C VAL A 5 -0.62 0.35 -8.14
N PHE A 6 -0.17 -0.09 -6.98
CA PHE A 6 0.54 -1.36 -6.85
C PHE A 6 -0.43 -2.53 -6.88
N PRO A 7 0.10 -3.73 -7.19
CA PRO A 7 -0.71 -4.95 -7.26
C PRO A 7 -1.20 -5.40 -5.89
N ALA A 8 -2.42 -5.94 -5.86
CA ALA A 8 -3.01 -6.41 -4.61
C ALA A 8 -2.11 -7.46 -3.95
N ALA A 9 -1.49 -8.30 -4.75
CA ALA A 9 -0.60 -9.35 -4.24
C ALA A 9 0.42 -8.76 -3.29
N THR A 10 1.05 -7.66 -3.69
CA THR A 10 2.06 -7.01 -2.86
C THR A 10 1.41 -6.24 -1.72
N CYS A 11 0.44 -5.40 -2.05
CA CYS A 11 -0.25 -4.59 -1.05
C CYS A 11 -0.55 -5.41 0.20
N ARG A 12 -1.42 -6.40 0.06
CA ARG A 12 -1.78 -7.27 1.17
C ARG A 12 -0.55 -7.81 1.87
N HIS A 13 0.47 -8.14 1.08
CA HIS A 13 1.72 -8.68 1.62
C HIS A 13 2.38 -7.68 2.56
N ALA A 14 2.24 -6.39 2.24
CA ALA A 14 2.82 -5.33 3.06
C ALA A 14 2.02 -5.13 4.34
N LYS A 15 0.70 -5.24 4.23
CA LYS A 15 -0.18 -5.07 5.39
C LYS A 15 -0.06 -6.26 6.33
N SER A 16 -0.16 -7.47 5.80
CA SER A 16 -0.07 -8.67 6.60
C SER A 16 1.04 -8.54 7.65
N VAL A 17 2.16 -7.99 7.23
CA VAL A 17 3.30 -7.81 8.14
C VAL A 17 3.26 -6.43 8.80
N GLY A 18 2.78 -5.44 8.06
CA GLY A 18 2.70 -4.09 8.59
C GLY A 18 3.89 -3.23 8.20
N ASN A 19 4.23 -3.26 6.91
CA ASN A 19 5.35 -2.49 6.40
C ASN A 19 4.88 -1.14 5.87
N CYS A 20 3.65 -0.76 6.22
CA CYS A 20 3.08 0.50 5.78
C CYS A 20 3.97 1.67 6.21
N SER A 21 4.70 1.49 7.30
CA SER A 21 5.58 2.52 7.82
C SER A 21 6.55 3.00 6.75
N SER A 22 6.96 2.08 5.87
CA SER A 22 7.89 2.41 4.80
C SER A 22 7.31 3.48 3.88
N GLU A 23 7.97 3.69 2.74
CA GLU A 23 7.51 4.69 1.78
C GLU A 23 7.28 4.06 0.41
N LYS A 24 8.10 3.08 0.07
CA LYS A 24 7.98 2.37 -1.20
C LYS A 24 6.56 1.89 -1.42
N TYR A 25 5.90 1.50 -0.34
CA TYR A 25 4.52 1.00 -0.42
C TYR A 25 3.59 1.85 0.43
N LYS A 26 3.89 3.14 0.53
CA LYS A 26 3.08 4.07 1.31
C LYS A 26 2.65 5.26 0.47
N ARG A 27 2.37 5.01 -0.81
CA ARG A 27 1.95 6.07 -1.72
C ARG A 27 1.11 5.50 -2.86
N ASN A 28 1.61 4.45 -3.49
CA ASN A 28 0.91 3.80 -4.60
C ASN A 28 -0.38 3.15 -4.11
N CYS A 29 -0.24 2.17 -3.23
CA CYS A 29 -1.39 1.45 -2.69
C CYS A 29 -2.04 2.24 -1.55
N ALA A 30 -2.42 3.48 -1.85
CA ALA A 30 -3.05 4.33 -0.85
C ALA A 30 -4.33 3.71 -0.33
N ILE A 31 -5.15 3.19 -1.25
CA ILE A 31 -6.42 2.57 -0.87
C ILE A 31 -6.21 1.50 0.20
N THR A 32 -5.05 0.85 0.16
CA THR A 32 -4.72 -0.19 1.12
C THR A 32 -4.02 0.39 2.35
N CYS A 33 -2.87 1.00 2.13
CA CYS A 33 -2.11 1.61 3.22
C CYS A 33 -2.91 2.71 3.90
N GLY A 34 -3.11 3.81 3.18
CA GLY A 34 -3.85 4.93 3.73
C GLY A 34 -3.20 6.26 3.43
N ALA A 35 -2.85 6.48 2.18
CA ALA A 35 -2.20 7.73 1.77
C ALA A 35 -3.24 8.83 1.59
N CYS A 36 -4.42 8.46 1.09
CA CYS A 36 -5.48 9.42 0.87
C CYS A 36 -6.82 8.88 1.36
N ALA A 1 -9.47 9.07 -8.13
CA ALA A 1 -8.19 9.66 -7.80
C ALA A 1 -7.54 8.97 -6.61
N CYS A 2 -6.22 9.00 -6.54
CA CYS A 2 -5.49 8.38 -5.44
C CYS A 2 -5.90 6.92 -5.28
N LYS A 3 -5.69 6.13 -6.33
CA LYS A 3 -6.05 4.71 -6.30
C LYS A 3 -4.79 3.84 -6.17
N ASP A 4 -4.96 2.66 -5.58
CA ASP A 4 -3.85 1.73 -5.41
C ASP A 4 -3.13 1.49 -6.72
N VAL A 5 -1.92 2.03 -6.85
CA VAL A 5 -1.13 1.86 -8.06
C VAL A 5 -0.44 0.50 -8.08
N PHE A 6 -0.03 0.02 -6.91
CA PHE A 6 0.64 -1.26 -6.81
C PHE A 6 -0.37 -2.41 -6.83
N PRO A 7 0.11 -3.62 -7.13
CA PRO A 7 -0.73 -4.82 -7.20
C PRO A 7 -1.22 -5.25 -5.83
N ALA A 8 -2.45 -5.76 -5.78
CA ALA A 8 -3.04 -6.21 -4.53
C ALA A 8 -2.18 -7.28 -3.87
N ALA A 9 -1.59 -8.15 -4.68
CA ALA A 9 -0.75 -9.22 -4.19
C ALA A 9 0.33 -8.67 -3.25
N THR A 10 0.97 -7.59 -3.67
CA THR A 10 2.02 -6.96 -2.86
C THR A 10 1.43 -6.19 -1.69
N CYS A 11 0.44 -5.35 -1.98
CA CYS A 11 -0.21 -4.54 -0.96
C CYS A 11 -0.45 -5.37 0.30
N ARG A 12 -1.34 -6.35 0.20
CA ARG A 12 -1.66 -7.22 1.32
C ARG A 12 -0.39 -7.77 1.97
N HIS A 13 0.60 -8.09 1.14
CA HIS A 13 1.86 -8.63 1.62
C HIS A 13 2.51 -7.68 2.61
N ALA A 14 2.46 -6.38 2.30
CA ALA A 14 3.06 -5.37 3.16
C ALA A 14 2.26 -5.21 4.45
N LYS A 15 0.94 -5.10 4.32
CA LYS A 15 0.05 -4.95 5.47
C LYS A 15 0.18 -6.14 6.41
N SER A 16 0.06 -7.34 5.86
CA SER A 16 0.17 -8.56 6.66
C SER A 16 1.29 -8.45 7.68
N VAL A 17 2.50 -8.13 7.20
CA VAL A 17 3.66 -8.00 8.07
C VAL A 17 3.61 -6.69 8.84
N GLY A 18 3.05 -5.65 8.22
CA GLY A 18 2.95 -4.35 8.86
C GLY A 18 4.01 -3.38 8.37
N ASN A 19 4.32 -3.45 7.08
CA ASN A 19 5.31 -2.57 6.47
C ASN A 19 4.64 -1.35 5.86
N CYS A 20 3.44 -1.04 6.32
CA CYS A 20 2.70 0.10 5.81
C CYS A 20 3.40 1.41 6.16
N SER A 21 4.21 1.37 7.21
CA SER A 21 4.95 2.56 7.65
C SER A 21 5.86 3.08 6.54
N SER A 22 6.39 2.16 5.74
CA SER A 22 7.29 2.53 4.65
C SER A 22 6.58 3.43 3.65
N GLU A 23 7.28 3.79 2.59
CA GLU A 23 6.72 4.67 1.56
C GLU A 23 6.70 3.96 0.20
N LYS A 24 7.69 3.12 -0.03
CA LYS A 24 7.80 2.39 -1.29
C LYS A 24 6.50 1.62 -1.57
N TYR A 25 5.77 1.29 -0.52
CA TYR A 25 4.51 0.56 -0.66
C TYR A 25 3.39 1.26 0.09
N LYS A 26 3.43 2.59 0.10
CA LYS A 26 2.41 3.38 0.78
C LYS A 26 1.82 4.42 -0.15
N ARG A 27 2.67 5.12 -0.87
CA ARG A 27 2.23 6.14 -1.81
C ARG A 27 1.35 5.54 -2.90
N ASN A 28 1.80 4.42 -3.47
CA ASN A 28 1.07 3.74 -4.52
C ASN A 28 -0.23 3.14 -3.98
N CYS A 29 -0.10 2.14 -3.11
CA CYS A 29 -1.25 1.48 -2.51
C CYS A 29 -1.82 2.31 -1.36
N ALA A 30 -2.42 3.45 -1.69
CA ALA A 30 -3.00 4.31 -0.68
C ALA A 30 -4.31 3.75 -0.14
N ILE A 31 -5.14 3.23 -1.05
CA ILE A 31 -6.42 2.65 -0.67
C ILE A 31 -6.24 1.54 0.37
N THR A 32 -5.08 0.89 0.33
CA THR A 32 -4.78 -0.18 1.27
C THR A 32 -4.13 0.36 2.54
N CYS A 33 -3.05 1.12 2.36
CA CYS A 33 -2.33 1.69 3.48
C CYS A 33 -3.18 2.73 4.20
N GLY A 34 -3.41 3.86 3.54
CA GLY A 34 -4.20 4.92 4.12
C GLY A 34 -3.52 6.27 4.04
N ALA A 35 -2.90 6.55 2.91
CA ALA A 35 -2.21 7.82 2.71
C ALA A 35 -3.16 8.91 2.24
N CYS A 36 -3.60 8.80 0.98
CA CYS A 36 -4.53 9.78 0.42
C CYS A 36 -5.93 9.60 1.01
N ALA A 1 -7.74 9.46 -8.64
CA ALA A 1 -6.82 10.45 -8.09
C ALA A 1 -5.89 9.83 -7.06
N CYS A 2 -6.45 8.97 -6.21
CA CYS A 2 -5.68 8.31 -5.17
C CYS A 2 -6.03 6.82 -5.10
N LYS A 3 -5.92 6.14 -6.23
CA LYS A 3 -6.22 4.72 -6.31
C LYS A 3 -4.94 3.89 -6.20
N ASP A 4 -5.06 2.70 -5.61
CA ASP A 4 -3.92 1.81 -5.46
C ASP A 4 -3.30 1.47 -6.80
N VAL A 5 -2.09 1.97 -7.04
CA VAL A 5 -1.39 1.72 -8.28
C VAL A 5 -0.73 0.35 -8.28
N PHE A 6 -0.25 -0.06 -7.11
CA PHE A 6 0.42 -1.35 -6.97
C PHE A 6 -0.61 -2.47 -6.87
N PRO A 7 -0.17 -3.71 -7.20
CA PRO A 7 -1.04 -4.89 -7.16
C PRO A 7 -1.40 -5.29 -5.73
N ALA A 8 -2.65 -5.70 -5.54
CA ALA A 8 -3.12 -6.12 -4.23
C ALA A 8 -2.22 -7.20 -3.63
N ALA A 9 -1.56 -7.95 -4.50
CA ALA A 9 -0.67 -9.01 -4.06
C ALA A 9 0.60 -8.44 -3.41
N THR A 10 1.06 -7.31 -3.93
CA THR A 10 2.25 -6.66 -3.40
C THR A 10 1.91 -5.75 -2.23
N CYS A 11 0.65 -5.33 -2.16
CA CYS A 11 0.19 -4.46 -1.08
C CYS A 11 -0.28 -5.26 0.12
N ARG A 12 -1.15 -6.23 -0.13
CA ARG A 12 -1.68 -7.09 0.93
C ARG A 12 -0.55 -7.69 1.75
N HIS A 13 0.57 -7.97 1.10
CA HIS A 13 1.73 -8.54 1.79
C HIS A 13 2.34 -7.53 2.75
N ALA A 14 2.33 -6.26 2.36
CA ALA A 14 2.88 -5.21 3.20
C ALA A 14 2.03 -4.98 4.44
N LYS A 15 0.71 -5.10 4.28
CA LYS A 15 -0.22 -4.90 5.39
C LYS A 15 -0.14 -6.07 6.36
N SER A 16 -0.21 -7.30 5.84
CA SER A 16 -0.15 -8.49 6.67
C SER A 16 0.89 -8.34 7.76
N VAL A 17 2.04 -7.76 7.40
CA VAL A 17 3.13 -7.56 8.35
C VAL A 17 3.06 -6.16 8.97
N GLY A 18 2.63 -5.19 8.18
CA GLY A 18 2.52 -3.83 8.68
C GLY A 18 3.73 -2.99 8.30
N ASN A 19 4.11 -3.04 7.03
CA ASN A 19 5.25 -2.27 6.55
C ASN A 19 4.82 -0.94 5.94
N CYS A 20 3.58 -0.55 6.24
CA CYS A 20 3.04 0.70 5.73
C CYS A 20 3.96 1.87 6.04
N SER A 21 4.70 1.74 7.14
CA SER A 21 5.62 2.79 7.56
C SER A 21 6.62 3.12 6.45
N SER A 22 6.97 2.11 5.68
CA SER A 22 7.92 2.28 4.57
C SER A 22 7.43 3.34 3.59
N GLU A 23 8.16 3.51 2.50
CA GLU A 23 7.80 4.48 1.48
C GLU A 23 7.47 3.80 0.16
N LYS A 24 8.20 2.72 -0.13
CA LYS A 24 7.98 1.96 -1.37
C LYS A 24 6.51 1.62 -1.55
N TYR A 25 5.84 1.29 -0.44
CA TYR A 25 4.43 0.94 -0.47
C TYR A 25 3.59 1.98 0.28
N LYS A 26 4.04 3.22 0.25
CA LYS A 26 3.33 4.31 0.92
C LYS A 26 3.15 5.50 0.00
N ARG A 27 2.96 5.22 -1.29
CA ARG A 27 2.78 6.28 -2.28
C ARG A 27 1.90 5.79 -3.44
N ASN A 28 2.13 4.57 -3.87
CA ASN A 28 1.37 3.98 -4.97
C ASN A 28 0.09 3.34 -4.46
N CYS A 29 0.22 2.35 -3.59
CA CYS A 29 -0.92 1.65 -3.03
C CYS A 29 -1.53 2.45 -1.87
N ALA A 30 -1.89 3.70 -2.14
CA ALA A 30 -2.48 4.55 -1.12
C ALA A 30 -3.73 3.93 -0.53
N ILE A 31 -4.62 3.46 -1.40
CA ILE A 31 -5.87 2.83 -0.97
C ILE A 31 -5.61 1.75 0.07
N THR A 32 -4.43 1.12 -0.02
CA THR A 32 -4.06 0.06 0.91
C THR A 32 -3.25 0.62 2.07
N CYS A 33 -2.49 1.68 1.81
CA CYS A 33 -1.67 2.31 2.84
C CYS A 33 -2.31 3.59 3.34
N GLY A 34 -3.57 3.50 3.76
CA GLY A 34 -4.27 4.67 4.25
C GLY A 34 -5.74 4.68 3.85
N ALA A 35 -6.02 4.13 2.67
CA ALA A 35 -7.40 4.08 2.17
C ALA A 35 -7.94 5.47 1.92
N CYS A 36 -7.61 6.04 0.76
CA CYS A 36 -8.06 7.37 0.39
C CYS A 36 -9.50 7.34 -0.11
N ALA A 1 -4.66 10.23 -10.77
CA ALA A 1 -5.34 9.19 -9.99
C ALA A 1 -4.63 8.94 -8.66
N CYS A 2 -5.42 8.82 -7.59
CA CYS A 2 -4.87 8.58 -6.27
C CYS A 2 -5.39 7.28 -5.69
N LYS A 3 -5.21 6.18 -6.43
CA LYS A 3 -5.65 4.88 -5.99
C LYS A 3 -4.48 3.92 -5.85
N ASP A 4 -4.78 2.67 -5.51
CA ASP A 4 -3.74 1.66 -5.34
C ASP A 4 -3.04 1.37 -6.67
N VAL A 5 -1.84 1.93 -6.82
CA VAL A 5 -1.07 1.74 -8.04
C VAL A 5 -0.35 0.39 -8.03
N PHE A 6 0.07 -0.04 -6.85
CA PHE A 6 0.77 -1.31 -6.70
C PHE A 6 -0.22 -2.48 -6.70
N PRO A 7 0.27 -3.68 -7.05
CA PRO A 7 -0.55 -4.89 -7.09
C PRO A 7 -0.96 -5.36 -5.69
N ALA A 8 -2.18 -5.88 -5.58
CA ALA A 8 -2.69 -6.36 -4.31
C ALA A 8 -1.75 -7.40 -3.70
N ALA A 9 -0.99 -8.07 -4.56
CA ALA A 9 -0.05 -9.09 -4.10
C ALA A 9 1.14 -8.46 -3.38
N THR A 10 1.61 -7.33 -3.89
CA THR A 10 2.74 -6.64 -3.29
C THR A 10 2.30 -5.81 -2.09
N CYS A 11 1.01 -5.48 -2.03
CA CYS A 11 0.47 -4.69 -0.94
C CYS A 11 0.00 -5.60 0.21
N ARG A 12 -0.76 -6.63 -0.14
CA ARG A 12 -1.26 -7.58 0.86
C ARG A 12 -0.13 -8.11 1.72
N HIS A 13 1.05 -8.26 1.12
CA HIS A 13 2.21 -8.76 1.84
C HIS A 13 2.75 -7.70 2.80
N ALA A 14 2.72 -6.45 2.38
CA ALA A 14 3.19 -5.34 3.19
C ALA A 14 2.32 -5.16 4.44
N LYS A 15 1.01 -5.10 4.23
CA LYS A 15 0.07 -4.93 5.32
C LYS A 15 0.14 -6.10 6.29
N SER A 16 0.07 -7.32 5.75
CA SER A 16 0.12 -8.53 6.56
C SER A 16 1.17 -8.39 7.66
N VAL A 17 2.36 -7.94 7.29
CA VAL A 17 3.44 -7.77 8.25
C VAL A 17 3.34 -6.42 8.97
N GLY A 18 2.83 -5.42 8.25
CA GLY A 18 2.69 -4.09 8.83
C GLY A 18 3.79 -3.14 8.38
N ASN A 19 4.17 -3.24 7.12
CA ASN A 19 5.21 -2.38 6.56
C ASN A 19 4.61 -1.15 5.90
N CYS A 20 3.37 -0.83 6.25
CA CYS A 20 2.68 0.32 5.69
C CYS A 20 3.47 1.60 5.94
N SER A 21 4.25 1.61 7.02
CA SER A 21 5.06 2.77 7.37
C SER A 21 5.98 3.17 6.22
N SER A 22 6.48 2.16 5.51
CA SER A 22 7.38 2.40 4.39
C SER A 22 6.73 3.33 3.35
N GLU A 23 7.48 3.66 2.31
CA GLU A 23 6.99 4.54 1.27
C GLU A 23 6.73 3.76 -0.02
N LYS A 24 7.56 2.77 -0.28
CA LYS A 24 7.43 1.94 -1.48
C LYS A 24 6.01 1.42 -1.62
N TYR A 25 5.34 1.23 -0.48
CA TYR A 25 3.97 0.73 -0.48
C TYR A 25 3.05 1.66 0.28
N LYS A 26 3.22 2.96 0.07
CA LYS A 26 2.41 3.97 0.74
C LYS A 26 1.99 5.06 -0.24
N ARG A 27 2.92 5.47 -1.10
CA ARG A 27 2.64 6.51 -2.09
C ARG A 27 1.83 5.96 -3.25
N ASN A 28 2.02 4.67 -3.53
CA ASN A 28 1.30 4.02 -4.63
C ASN A 28 0.06 3.28 -4.11
N CYS A 29 0.29 2.28 -3.27
CA CYS A 29 -0.81 1.50 -2.70
C CYS A 29 -1.44 2.23 -1.51
N ALA A 30 -2.01 3.40 -1.78
CA ALA A 30 -2.65 4.19 -0.74
C ALA A 30 -3.98 3.59 -0.32
N ILE A 31 -4.77 3.17 -1.31
CA ILE A 31 -6.08 2.56 -1.03
C ILE A 31 -5.95 1.39 -0.07
N THR A 32 -4.79 0.74 -0.09
CA THR A 32 -4.54 -0.39 0.79
C THR A 32 -3.95 0.06 2.12
N CYS A 33 -2.91 0.88 2.06
CA CYS A 33 -2.27 1.39 3.26
C CYS A 33 -3.25 2.13 4.14
N GLY A 34 -3.93 3.12 3.56
CA GLY A 34 -4.90 3.90 4.32
C GLY A 34 -4.47 5.35 4.49
N ALA A 35 -4.03 5.97 3.40
CA ALA A 35 -3.59 7.35 3.44
C ALA A 35 -4.43 8.23 2.51
N CYS A 36 -4.63 7.76 1.29
CA CYS A 36 -5.42 8.49 0.30
C CYS A 36 -6.69 7.73 -0.04
N ALA A 1 -8.31 11.58 -3.82
CA ALA A 1 -8.72 10.68 -4.89
C ALA A 1 -7.53 9.93 -5.47
N CYS A 2 -7.26 8.74 -4.93
CA CYS A 2 -6.14 7.92 -5.39
C CYS A 2 -6.61 6.51 -5.74
N LYS A 3 -5.66 5.66 -6.10
CA LYS A 3 -5.96 4.28 -6.45
C LYS A 3 -4.73 3.40 -6.31
N ASP A 4 -4.89 2.27 -5.61
CA ASP A 4 -3.79 1.34 -5.40
C ASP A 4 -3.12 0.98 -6.73
N VAL A 5 -1.93 1.51 -6.95
CA VAL A 5 -1.19 1.24 -8.19
C VAL A 5 -0.48 -0.11 -8.11
N PHE A 6 -0.03 -0.47 -6.92
CA PHE A 6 0.66 -1.74 -6.72
C PHE A 6 -0.32 -2.91 -6.71
N PRO A 7 0.19 -4.11 -7.01
CA PRO A 7 -0.63 -5.33 -7.05
C PRO A 7 -1.09 -5.75 -5.66
N ALA A 8 -2.32 -6.28 -5.59
CA ALA A 8 -2.87 -6.74 -4.32
C ALA A 8 -1.96 -7.78 -3.67
N ALA A 9 -1.18 -8.47 -4.48
CA ALA A 9 -0.27 -9.49 -3.97
C ALA A 9 0.89 -8.85 -3.21
N THR A 10 1.38 -7.73 -3.72
CA THR A 10 2.50 -7.02 -3.10
C THR A 10 2.02 -6.15 -1.94
N CYS A 11 0.73 -5.80 -1.98
CA CYS A 11 0.14 -4.96 -0.93
C CYS A 11 -0.37 -5.82 0.23
N ARG A 12 -1.16 -6.84 -0.10
CA ARG A 12 -1.72 -7.73 0.92
C ARG A 12 -0.62 -8.25 1.84
N HIS A 13 0.57 -8.43 1.29
CA HIS A 13 1.70 -8.93 2.07
C HIS A 13 2.30 -7.81 2.92
N ALA A 14 2.29 -6.61 2.39
CA ALA A 14 2.83 -5.45 3.11
C ALA A 14 2.04 -5.18 4.39
N LYS A 15 0.72 -5.19 4.28
CA LYS A 15 -0.15 -4.95 5.41
C LYS A 15 -0.09 -6.12 6.40
N SER A 16 -0.24 -7.34 5.89
CA SER A 16 -0.20 -8.52 6.73
C SER A 16 0.91 -8.41 7.78
N VAL A 17 2.05 -7.89 7.37
CA VAL A 17 3.19 -7.73 8.27
C VAL A 17 3.18 -6.34 8.92
N GLY A 18 2.73 -5.34 8.17
CA GLY A 18 2.68 -3.99 8.68
C GLY A 18 3.84 -3.15 8.20
N ASN A 19 3.97 -3.02 6.89
CA ASN A 19 5.05 -2.24 6.30
C ASN A 19 4.51 -0.93 5.72
N CYS A 20 3.23 -0.67 5.93
CA CYS A 20 2.60 0.55 5.43
C CYS A 20 3.36 1.78 5.87
N SER A 21 4.03 1.68 7.02
CA SER A 21 4.81 2.80 7.55
C SER A 21 5.76 3.35 6.49
N SER A 22 6.29 2.46 5.65
CA SER A 22 7.22 2.85 4.60
C SER A 22 6.54 3.79 3.61
N GLU A 23 7.23 4.07 2.51
CA GLU A 23 6.69 4.96 1.48
C GLU A 23 6.60 4.24 0.14
N LYS A 24 7.53 3.33 -0.10
CA LYS A 24 7.55 2.57 -1.35
C LYS A 24 6.17 1.97 -1.65
N TYR A 25 5.46 1.62 -0.59
CA TYR A 25 4.13 1.03 -0.74
C TYR A 25 3.07 1.91 -0.10
N LYS A 26 3.26 3.23 -0.18
CA LYS A 26 2.32 4.18 0.39
C LYS A 26 1.86 5.19 -0.67
N ARG A 27 2.77 5.55 -1.56
CA ARG A 27 2.45 6.50 -2.63
C ARG A 27 1.62 5.84 -3.72
N ASN A 28 1.87 4.55 -3.94
CA ASN A 28 1.15 3.80 -4.96
C ASN A 28 -0.05 3.07 -4.37
N CYS A 29 0.22 2.12 -3.48
CA CYS A 29 -0.84 1.35 -2.84
C CYS A 29 -1.42 2.12 -1.67
N ALA A 30 -1.92 3.32 -1.94
CA ALA A 30 -2.52 4.16 -0.92
C ALA A 30 -3.85 3.58 -0.43
N ILE A 31 -4.69 3.19 -1.38
CA ILE A 31 -5.99 2.61 -1.07
C ILE A 31 -5.86 1.48 -0.05
N THR A 32 -4.73 0.77 -0.11
CA THR A 32 -4.47 -0.34 0.81
C THR A 32 -3.79 0.15 2.08
N CYS A 33 -2.91 1.12 1.94
CA CYS A 33 -2.18 1.67 3.08
C CYS A 33 -3.12 2.43 4.01
N GLY A 34 -3.68 3.53 3.51
CA GLY A 34 -4.59 4.32 4.31
C GLY A 34 -4.01 5.68 4.69
N ALA A 35 -3.26 6.27 3.77
CA ALA A 35 -2.65 7.56 4.01
C ALA A 35 -2.89 8.52 2.85
N CYS A 36 -4.11 8.51 2.32
CA CYS A 36 -4.49 9.37 1.21
C CYS A 36 -5.33 10.54 1.68
N ALA A 1 -4.62 11.78 -5.45
CA ALA A 1 -5.47 10.78 -6.09
C ALA A 1 -5.51 9.49 -5.27
N CYS A 2 -6.71 8.97 -5.06
CA CYS A 2 -6.89 7.74 -4.29
C CYS A 2 -6.96 6.53 -5.22
N LYS A 3 -5.88 5.79 -5.30
CA LYS A 3 -5.81 4.59 -6.14
C LYS A 3 -4.54 3.80 -5.88
N ASP A 4 -4.68 2.49 -5.72
CA ASP A 4 -3.55 1.62 -5.47
C ASP A 4 -2.88 1.20 -6.78
N VAL A 5 -1.65 1.67 -6.99
CA VAL A 5 -0.90 1.33 -8.21
C VAL A 5 -0.29 -0.06 -8.12
N PHE A 6 0.33 -0.36 -6.98
CA PHE A 6 0.96 -1.66 -6.77
C PHE A 6 -0.08 -2.77 -6.78
N PRO A 7 0.38 -4.01 -7.00
CA PRO A 7 -0.49 -5.19 -7.04
C PRO A 7 -1.06 -5.54 -5.67
N ALA A 8 -2.31 -6.00 -5.65
CA ALA A 8 -2.97 -6.38 -4.41
C ALA A 8 -2.19 -7.45 -3.68
N ALA A 9 -1.66 -8.42 -4.43
CA ALA A 9 -0.89 -9.51 -3.85
C ALA A 9 0.20 -8.99 -2.93
N THR A 10 0.87 -7.92 -3.36
CA THR A 10 1.95 -7.33 -2.58
C THR A 10 1.39 -6.45 -1.47
N CYS A 11 0.52 -5.52 -1.83
CA CYS A 11 -0.09 -4.62 -0.85
C CYS A 11 -0.48 -5.37 0.42
N ARG A 12 -1.41 -6.31 0.28
CA ARG A 12 -1.89 -7.09 1.41
C ARG A 12 -0.71 -7.70 2.17
N HIS A 13 0.29 -8.18 1.43
CA HIS A 13 1.47 -8.78 2.03
C HIS A 13 2.24 -7.77 2.85
N ALA A 14 2.24 -6.52 2.40
CA ALA A 14 2.93 -5.44 3.11
C ALA A 14 2.25 -5.11 4.43
N LYS A 15 0.95 -4.86 4.36
CA LYS A 15 0.17 -4.52 5.55
C LYS A 15 0.27 -5.64 6.59
N SER A 16 0.09 -6.88 6.14
CA SER A 16 0.15 -8.04 7.02
C SER A 16 1.30 -7.90 8.02
N VAL A 17 2.49 -7.60 7.50
CA VAL A 17 3.67 -7.43 8.35
C VAL A 17 3.74 -6.02 8.92
N GLY A 18 3.23 -5.05 8.17
CA GLY A 18 3.25 -3.68 8.61
C GLY A 18 4.28 -2.84 7.90
N ASN A 19 4.53 -3.17 6.63
CA ASN A 19 5.52 -2.45 5.83
C ASN A 19 4.95 -1.11 5.35
N CYS A 20 3.64 -0.95 5.51
CA CYS A 20 2.98 0.29 5.09
C CYS A 20 3.72 1.51 5.60
N SER A 21 4.33 1.38 6.77
CA SER A 21 5.08 2.48 7.38
C SER A 21 6.08 3.06 6.38
N SER A 22 6.65 2.20 5.55
CA SER A 22 7.63 2.63 4.56
C SER A 22 7.00 3.59 3.55
N GLU A 23 7.73 3.88 2.48
CA GLU A 23 7.25 4.80 1.45
C GLU A 23 7.22 4.10 0.09
N LYS A 24 8.16 3.19 -0.13
CA LYS A 24 8.24 2.46 -1.39
C LYS A 24 6.90 1.85 -1.75
N TYR A 25 6.11 1.52 -0.74
CA TYR A 25 4.80 0.91 -0.95
C TYR A 25 3.72 1.70 -0.21
N LYS A 26 3.86 3.02 -0.19
CA LYS A 26 2.90 3.89 0.48
C LYS A 26 2.30 4.89 -0.50
N ARG A 27 3.10 5.32 -1.47
CA ARG A 27 2.64 6.27 -2.47
C ARG A 27 1.77 5.60 -3.52
N ASN A 28 2.18 4.42 -3.95
CA ASN A 28 1.44 3.67 -4.95
C ASN A 28 0.15 3.08 -4.36
N CYS A 29 0.30 2.15 -3.43
CA CYS A 29 -0.84 1.52 -2.77
C CYS A 29 -1.38 2.41 -1.66
N ALA A 30 -1.85 3.60 -2.03
CA ALA A 30 -2.40 4.54 -1.06
C ALA A 30 -3.74 4.06 -0.54
N ILE A 31 -4.53 3.46 -1.41
CA ILE A 31 -5.85 2.96 -1.04
C ILE A 31 -5.73 1.91 0.06
N THR A 32 -4.61 1.19 0.07
CA THR A 32 -4.39 0.15 1.07
C THR A 32 -3.69 0.72 2.30
N CYS A 33 -2.73 1.61 2.09
CA CYS A 33 -1.99 2.22 3.18
C CYS A 33 -2.85 3.24 3.90
N GLY A 34 -3.15 4.36 3.23
CA GLY A 34 -3.97 5.39 3.83
C GLY A 34 -5.37 4.90 4.18
N ALA A 35 -5.90 4.01 3.35
CA ALA A 35 -7.23 3.46 3.58
C ALA A 35 -8.29 4.55 3.49
N CYS A 36 -8.31 5.26 2.37
CA CYS A 36 -9.27 6.35 2.16
C CYS A 36 -10.59 5.79 1.64
N ALA A 1 -8.17 9.45 -7.20
CA ALA A 1 -7.06 10.39 -7.21
C ALA A 1 -5.74 9.71 -6.88
N CYS A 2 -5.73 8.99 -5.76
CA CYS A 2 -4.54 8.28 -5.33
C CYS A 2 -4.82 6.79 -5.13
N LYS A 3 -5.44 6.17 -6.13
CA LYS A 3 -5.78 4.76 -6.08
C LYS A 3 -4.52 3.91 -5.85
N ASP A 4 -4.71 2.59 -5.83
CA ASP A 4 -3.60 1.67 -5.63
C ASP A 4 -2.85 1.44 -6.94
N VAL A 5 -1.63 1.99 -7.03
CA VAL A 5 -0.82 1.84 -8.23
C VAL A 5 -0.11 0.49 -8.25
N PHE A 6 0.29 0.03 -7.07
CA PHE A 6 0.97 -1.25 -6.94
C PHE A 6 -0.02 -2.41 -6.96
N PRO A 7 0.48 -3.62 -7.26
CA PRO A 7 -0.34 -4.83 -7.32
C PRO A 7 -0.83 -5.26 -5.94
N ALA A 8 -2.07 -5.72 -5.86
CA ALA A 8 -2.66 -6.16 -4.60
C ALA A 8 -1.80 -7.24 -3.96
N ALA A 9 -1.25 -8.13 -4.79
CA ALA A 9 -0.41 -9.21 -4.29
C ALA A 9 0.68 -8.68 -3.37
N THR A 10 1.32 -7.59 -3.77
CA THR A 10 2.38 -6.98 -2.99
C THR A 10 1.81 -6.19 -1.81
N CYS A 11 0.87 -5.30 -2.10
CA CYS A 11 0.25 -4.48 -1.08
C CYS A 11 -0.05 -5.31 0.18
N ARG A 12 -0.92 -6.30 0.02
CA ARG A 12 -1.28 -7.17 1.14
C ARG A 12 -0.05 -7.70 1.85
N HIS A 13 0.96 -8.07 1.08
CA HIS A 13 2.21 -8.59 1.65
C HIS A 13 2.77 -7.64 2.69
N ALA A 14 2.59 -6.34 2.46
CA ALA A 14 3.08 -5.33 3.39
C ALA A 14 2.14 -5.18 4.58
N LYS A 15 0.83 -5.21 4.31
CA LYS A 15 -0.18 -5.08 5.36
C LYS A 15 -0.08 -6.23 6.35
N SER A 16 -0.02 -7.45 5.82
CA SER A 16 0.07 -8.65 6.66
C SER A 16 1.02 -8.42 7.83
N VAL A 17 2.25 -7.99 7.52
CA VAL A 17 3.25 -7.74 8.54
C VAL A 17 3.05 -6.36 9.18
N GLY A 18 2.56 -5.42 8.39
CA GLY A 18 2.33 -4.08 8.89
C GLY A 18 3.45 -3.12 8.51
N ASN A 19 3.92 -3.21 7.27
CA ASN A 19 4.99 -2.35 6.79
C ASN A 19 4.43 -1.14 6.07
N CYS A 20 3.17 -0.81 6.35
CA CYS A 20 2.51 0.32 5.72
C CYS A 20 3.29 1.61 5.97
N SER A 21 4.01 1.65 7.10
CA SER A 21 4.80 2.82 7.45
C SER A 21 5.73 3.22 6.31
N SER A 22 6.27 2.22 5.62
CA SER A 22 7.18 2.46 4.51
C SER A 22 6.52 3.33 3.44
N GLU A 23 7.26 3.62 2.38
CA GLU A 23 6.75 4.45 1.29
C GLU A 23 6.55 3.62 0.03
N LYS A 24 7.41 2.63 -0.17
CA LYS A 24 7.33 1.76 -1.34
C LYS A 24 5.92 1.19 -1.51
N TYR A 25 5.23 1.03 -0.39
CA TYR A 25 3.87 0.49 -0.41
C TYR A 25 2.90 1.44 0.30
N LYS A 26 3.10 2.73 0.11
CA LYS A 26 2.26 3.74 0.73
C LYS A 26 1.94 4.87 -0.26
N ARG A 27 2.94 5.27 -1.02
CA ARG A 27 2.76 6.34 -2.00
C ARG A 27 1.97 5.85 -3.20
N ASN A 28 2.11 4.56 -3.52
CA ASN A 28 1.42 3.96 -4.64
C ASN A 28 0.12 3.28 -4.18
N CYS A 29 0.27 2.28 -3.33
CA CYS A 29 -0.88 1.54 -2.82
C CYS A 29 -1.54 2.30 -1.67
N ALA A 30 -2.23 3.40 -2.01
CA ALA A 30 -2.91 4.21 -1.00
C ALA A 30 -4.19 3.53 -0.52
N ILE A 31 -4.98 3.04 -1.46
CA ILE A 31 -6.24 2.36 -1.12
C ILE A 31 -6.01 1.26 -0.10
N THR A 32 -4.82 0.69 -0.11
CA THR A 32 -4.47 -0.38 0.83
C THR A 32 -3.87 0.18 2.11
N CYS A 33 -2.79 0.94 1.96
CA CYS A 33 -2.12 1.55 3.10
C CYS A 33 -3.08 2.43 3.90
N GLY A 34 -3.54 3.51 3.27
CA GLY A 34 -4.46 4.42 3.93
C GLY A 34 -3.91 5.82 4.03
N ALA A 35 -3.25 6.28 2.98
CA ALA A 35 -2.68 7.61 2.95
C ALA A 35 -3.55 8.58 2.15
N CYS A 36 -3.51 8.45 0.83
CA CYS A 36 -4.30 9.31 -0.05
C CYS A 36 -5.36 8.50 -0.79
N ALA A 1 -7.67 9.42 -7.83
CA ALA A 1 -6.75 10.40 -7.26
C ALA A 1 -5.81 9.73 -6.26
N CYS A 2 -6.36 8.85 -5.43
CA CYS A 2 -5.56 8.15 -4.42
C CYS A 2 -5.76 6.64 -4.53
N LYS A 3 -5.82 6.14 -5.77
CA LYS A 3 -6.00 4.72 -6.01
C LYS A 3 -4.71 3.96 -5.78
N ASP A 4 -4.81 2.63 -5.65
CA ASP A 4 -3.64 1.79 -5.44
C ASP A 4 -3.00 1.40 -6.76
N VAL A 5 -1.76 1.85 -6.97
CA VAL A 5 -1.04 1.54 -8.21
C VAL A 5 -0.44 0.14 -8.15
N PHE A 6 0.19 -0.18 -7.03
CA PHE A 6 0.81 -1.49 -6.86
C PHE A 6 -0.24 -2.59 -6.85
N PRO A 7 0.20 -3.84 -7.09
CA PRO A 7 -0.68 -5.01 -7.13
C PRO A 7 -1.21 -5.37 -5.74
N ALA A 8 -2.50 -5.67 -5.67
CA ALA A 8 -3.13 -6.04 -4.41
C ALA A 8 -2.35 -7.14 -3.71
N ALA A 9 -1.88 -8.11 -4.49
CA ALA A 9 -1.12 -9.23 -3.94
C ALA A 9 0.03 -8.74 -3.07
N THR A 10 0.76 -7.75 -3.57
CA THR A 10 1.89 -7.18 -2.85
C THR A 10 1.42 -6.30 -1.70
N CYS A 11 0.59 -5.31 -2.02
CA CYS A 11 0.07 -4.39 -1.02
C CYS A 11 -0.34 -5.14 0.25
N ARG A 12 -1.33 -6.01 0.12
CA ARG A 12 -1.81 -6.78 1.26
C ARG A 12 -0.66 -7.47 1.98
N HIS A 13 0.31 -7.95 1.20
CA HIS A 13 1.48 -8.64 1.75
C HIS A 13 2.26 -7.71 2.69
N ALA A 14 2.30 -6.43 2.33
CA ALA A 14 3.01 -5.45 3.14
C ALA A 14 2.27 -5.16 4.44
N LYS A 15 0.95 -5.08 4.35
CA LYS A 15 0.12 -4.82 5.53
C LYS A 15 0.13 -6.00 6.48
N SER A 16 -0.13 -7.19 5.94
CA SER A 16 -0.16 -8.41 6.75
C SER A 16 0.99 -8.42 7.75
N VAL A 17 2.16 -7.97 7.31
CA VAL A 17 3.34 -7.93 8.17
C VAL A 17 3.45 -6.58 8.89
N GLY A 18 3.03 -5.52 8.19
CA GLY A 18 3.09 -4.19 8.78
C GLY A 18 4.26 -3.37 8.25
N ASN A 19 4.28 -3.15 6.95
CA ASN A 19 5.34 -2.38 6.31
C ASN A 19 4.81 -1.08 5.73
N CYS A 20 3.53 -0.80 6.00
CA CYS A 20 2.90 0.42 5.51
C CYS A 20 3.73 1.65 5.88
N SER A 21 4.43 1.56 7.00
CA SER A 21 5.26 2.67 7.47
C SER A 21 6.23 3.13 6.39
N SER A 22 6.71 2.17 5.60
CA SER A 22 7.64 2.48 4.52
C SER A 22 7.03 3.44 3.52
N GLU A 23 7.77 3.73 2.45
CA GLU A 23 7.29 4.64 1.42
C GLU A 23 7.21 3.94 0.07
N LYS A 24 8.10 2.99 -0.16
CA LYS A 24 8.12 2.24 -1.41
C LYS A 24 6.75 1.66 -1.71
N TYR A 25 5.96 1.40 -0.67
CA TYR A 25 4.62 0.85 -0.84
C TYR A 25 3.59 1.70 -0.10
N LYS A 26 3.76 3.01 -0.16
CA LYS A 26 2.85 3.94 0.50
C LYS A 26 2.30 4.96 -0.47
N ARG A 27 3.13 5.37 -1.44
CA ARG A 27 2.72 6.34 -2.44
C ARG A 27 1.81 5.70 -3.48
N ASN A 28 2.18 4.51 -3.94
CA ASN A 28 1.39 3.79 -4.93
C ASN A 28 0.08 3.30 -4.33
N CYS A 29 0.18 2.44 -3.31
CA CYS A 29 -0.99 1.89 -2.65
C CYS A 29 -1.57 2.89 -1.65
N ALA A 30 -2.34 3.85 -2.15
CA ALA A 30 -2.94 4.86 -1.30
C ALA A 30 -4.22 4.33 -0.64
N ILE A 31 -4.93 3.47 -1.36
CA ILE A 31 -6.17 2.89 -0.85
C ILE A 31 -5.89 1.87 0.24
N THR A 32 -4.74 1.21 0.14
CA THR A 32 -4.35 0.20 1.11
C THR A 32 -3.57 0.82 2.27
N CYS A 33 -2.65 1.74 1.93
CA CYS A 33 -1.85 2.41 2.94
C CYS A 33 -2.50 3.71 3.39
N GLY A 34 -2.63 4.65 2.46
CA GLY A 34 -3.24 5.92 2.78
C GLY A 34 -4.59 5.77 3.46
N ALA A 35 -5.31 4.70 3.12
CA ALA A 35 -6.61 4.43 3.70
C ALA A 35 -7.61 5.51 3.31
N CYS A 36 -7.63 5.86 2.02
CA CYS A 36 -8.53 6.88 1.51
C CYS A 36 -9.97 6.58 1.92
N ALA A 1 -5.04 10.24 -6.09
CA ALA A 1 -6.45 10.22 -6.48
C ALA A 1 -7.17 9.00 -5.93
N CYS A 2 -6.76 8.55 -4.76
CA CYS A 2 -7.36 7.39 -4.12
C CYS A 2 -7.35 6.19 -5.08
N LYS A 3 -6.20 5.55 -5.18
CA LYS A 3 -6.05 4.38 -6.04
C LYS A 3 -4.73 3.67 -5.79
N ASP A 4 -4.77 2.35 -5.71
CA ASP A 4 -3.58 1.55 -5.47
C ASP A 4 -2.94 1.11 -6.79
N VAL A 5 -1.72 1.59 -7.05
CA VAL A 5 -1.01 1.24 -8.28
C VAL A 5 -0.37 -0.13 -8.17
N PHE A 6 0.32 -0.37 -7.06
CA PHE A 6 0.99 -1.65 -6.82
C PHE A 6 -0.01 -2.80 -6.86
N PRO A 7 0.51 -4.02 -7.05
CA PRO A 7 -0.32 -5.23 -7.11
C PRO A 7 -0.91 -5.59 -5.75
N ALA A 8 -2.18 -5.98 -5.76
CA ALA A 8 -2.88 -6.35 -4.52
C ALA A 8 -2.11 -7.42 -3.77
N ALA A 9 -1.33 -8.22 -4.51
CA ALA A 9 -0.54 -9.28 -3.90
C ALA A 9 0.59 -8.71 -3.06
N THR A 10 1.17 -7.61 -3.51
CA THR A 10 2.27 -6.97 -2.79
C THR A 10 1.75 -5.98 -1.76
N CYS A 11 0.51 -5.54 -1.94
CA CYS A 11 -0.11 -4.59 -1.04
C CYS A 11 -0.82 -5.30 0.11
N ARG A 12 -1.67 -6.27 -0.23
CA ARG A 12 -2.40 -7.04 0.77
C ARG A 12 -1.45 -7.62 1.81
N HIS A 13 -0.23 -7.96 1.37
CA HIS A 13 0.77 -8.53 2.27
C HIS A 13 1.44 -7.45 3.10
N ALA A 14 1.71 -6.31 2.46
CA ALA A 14 2.35 -5.19 3.14
C ALA A 14 1.62 -4.84 4.44
N LYS A 15 0.30 -5.01 4.43
CA LYS A 15 -0.52 -4.71 5.61
C LYS A 15 -0.45 -5.86 6.61
N SER A 16 -0.26 -7.07 6.11
CA SER A 16 -0.18 -8.25 6.96
C SER A 16 1.27 -8.57 7.33
N VAL A 17 2.10 -7.54 7.36
CA VAL A 17 3.51 -7.70 7.70
C VAL A 17 4.07 -6.45 8.37
N GLY A 18 3.65 -5.29 7.87
CA GLY A 18 4.11 -4.03 8.43
C GLY A 18 5.04 -3.30 7.48
N ASN A 19 4.83 -3.47 6.18
CA ASN A 19 5.66 -2.81 5.18
C ASN A 19 5.11 -1.43 4.82
N CYS A 20 3.81 -1.25 5.03
CA CYS A 20 3.16 0.02 4.75
C CYS A 20 3.93 1.18 5.36
N SER A 21 4.52 0.94 6.53
CA SER A 21 5.28 1.97 7.22
C SER A 21 6.31 2.61 6.29
N SER A 22 6.86 1.80 5.38
CA SER A 22 7.85 2.28 4.43
C SER A 22 7.26 3.35 3.52
N GLU A 23 8.01 3.71 2.47
CA GLU A 23 7.54 4.72 1.52
C GLU A 23 7.42 4.13 0.12
N LYS A 24 8.28 3.16 -0.19
CA LYS A 24 8.27 2.51 -1.49
C LYS A 24 6.85 2.09 -1.88
N TYR A 25 6.04 1.80 -0.87
CA TYR A 25 4.65 1.38 -1.11
C TYR A 25 3.67 2.28 -0.35
N LYS A 26 3.86 3.59 -0.51
CA LYS A 26 2.99 4.56 0.15
C LYS A 26 2.32 5.47 -0.87
N ARG A 27 3.05 5.80 -1.93
CA ARG A 27 2.53 6.66 -2.99
C ARG A 27 1.64 5.87 -3.94
N ASN A 28 2.08 4.67 -4.30
CA ASN A 28 1.32 3.81 -5.21
C ASN A 28 0.06 3.29 -4.54
N CYS A 29 0.24 2.50 -3.48
CA CYS A 29 -0.88 1.93 -2.74
C CYS A 29 -1.47 2.94 -1.78
N ALA A 30 -2.29 3.84 -2.31
CA ALA A 30 -2.93 4.87 -1.49
C ALA A 30 -4.19 4.33 -0.81
N ILE A 31 -4.86 3.40 -1.48
CA ILE A 31 -6.08 2.81 -0.95
C ILE A 31 -5.76 1.81 0.15
N THR A 32 -4.61 1.14 0.04
CA THR A 32 -4.19 0.16 1.01
C THR A 32 -3.38 0.80 2.13
N CYS A 33 -2.43 1.65 1.76
CA CYS A 33 -1.59 2.34 2.73
C CYS A 33 -2.21 3.67 3.14
N GLY A 34 -2.40 4.56 2.17
CA GLY A 34 -2.97 5.86 2.45
C GLY A 34 -4.27 5.76 3.23
N ALA A 35 -5.02 4.68 2.99
CA ALA A 35 -6.29 4.47 3.67
C ALA A 35 -7.30 5.56 3.30
N CYS A 36 -7.56 5.70 2.01
CA CYS A 36 -8.50 6.70 1.53
C CYS A 36 -9.93 6.35 1.94
N ALA A 1 -8.53 12.35 -5.59
CA ALA A 1 -8.76 10.93 -5.82
C ALA A 1 -7.53 10.10 -5.47
N CYS A 2 -7.70 8.79 -5.39
CA CYS A 2 -6.59 7.89 -5.08
C CYS A 2 -6.89 6.46 -5.54
N LYS A 3 -5.88 5.79 -6.06
CA LYS A 3 -6.03 4.42 -6.53
C LYS A 3 -4.74 3.63 -6.33
N ASP A 4 -4.87 2.42 -5.80
CA ASP A 4 -3.71 1.57 -5.56
C ASP A 4 -3.04 1.19 -6.88
N VAL A 5 -1.84 1.73 -7.09
CA VAL A 5 -1.09 1.45 -8.31
C VAL A 5 -0.38 0.10 -8.23
N PHE A 6 0.07 -0.27 -7.04
CA PHE A 6 0.77 -1.52 -6.82
C PHE A 6 -0.23 -2.68 -6.78
N PRO A 7 0.28 -3.91 -7.03
CA PRO A 7 -0.55 -5.12 -7.03
C PRO A 7 -1.02 -5.49 -5.63
N ALA A 8 -2.28 -5.91 -5.53
CA ALA A 8 -2.85 -6.31 -4.25
C ALA A 8 -2.00 -7.38 -3.57
N ALA A 9 -1.27 -8.15 -4.38
CA ALA A 9 -0.42 -9.20 -3.86
C ALA A 9 0.78 -8.62 -3.11
N THR A 10 1.28 -7.50 -3.59
CA THR A 10 2.43 -6.84 -2.97
C THR A 10 1.99 -5.90 -1.85
N CYS A 11 0.72 -5.48 -1.90
CA CYS A 11 0.17 -4.58 -0.89
C CYS A 11 -0.40 -5.38 0.29
N ARG A 12 -1.28 -6.33 -0.03
CA ARG A 12 -1.90 -7.15 1.00
C ARG A 12 -0.85 -7.77 1.92
N HIS A 13 0.31 -8.07 1.36
CA HIS A 13 1.41 -8.66 2.13
C HIS A 13 2.05 -7.62 3.05
N ALA A 14 2.30 -6.45 2.50
CA ALA A 14 2.91 -5.37 3.27
C ALA A 14 2.13 -5.09 4.55
N LYS A 15 0.82 -4.94 4.41
CA LYS A 15 -0.04 -4.67 5.56
C LYS A 15 -0.09 -5.87 6.51
N SER A 16 -0.26 -7.06 5.94
CA SER A 16 -0.32 -8.28 6.72
C SER A 16 0.74 -8.27 7.82
N VAL A 17 1.92 -7.75 7.49
CA VAL A 17 3.02 -7.68 8.45
C VAL A 17 3.09 -6.31 9.10
N GLY A 18 2.72 -5.29 8.34
CA GLY A 18 2.74 -3.93 8.87
C GLY A 18 3.94 -3.14 8.37
N ASN A 19 4.18 -3.19 7.06
CA ASN A 19 5.30 -2.49 6.46
C ASN A 19 4.83 -1.19 5.82
N CYS A 20 3.63 -0.75 6.19
CA CYS A 20 3.07 0.49 5.65
C CYS A 20 3.99 1.67 5.93
N SER A 21 4.78 1.56 6.99
CA SER A 21 5.71 2.62 7.36
C SER A 21 6.61 2.99 6.20
N SER A 22 7.17 1.97 5.55
CA SER A 22 8.07 2.20 4.41
C SER A 22 7.40 3.07 3.36
N GLU A 23 8.15 4.04 2.84
CA GLU A 23 7.63 4.94 1.82
C GLU A 23 7.41 4.20 0.50
N LYS A 24 8.21 3.17 0.27
CA LYS A 24 8.11 2.37 -0.95
C LYS A 24 6.66 1.99 -1.24
N TYR A 25 5.96 1.56 -0.19
CA TYR A 25 4.56 1.16 -0.33
C TYR A 25 3.64 2.12 0.41
N LYS A 26 3.99 3.41 0.38
CA LYS A 26 3.20 4.43 1.05
C LYS A 26 2.94 5.61 0.12
N ARG A 27 2.81 5.33 -1.17
CA ARG A 27 2.56 6.36 -2.16
C ARG A 27 1.76 5.81 -3.33
N ASN A 28 2.10 4.60 -3.76
CA ASN A 28 1.41 3.96 -4.87
C ASN A 28 0.11 3.30 -4.40
N CYS A 29 0.24 2.39 -3.44
CA CYS A 29 -0.91 1.68 -2.90
C CYS A 29 -1.64 2.54 -1.86
N ALA A 30 -2.01 3.75 -2.26
CA ALA A 30 -2.72 4.66 -1.37
C ALA A 30 -3.99 4.02 -0.82
N ILE A 31 -4.78 3.41 -1.70
CA ILE A 31 -6.02 2.76 -1.29
C ILE A 31 -5.77 1.79 -0.15
N THR A 32 -4.60 1.16 -0.14
CA THR A 32 -4.25 0.20 0.90
C THR A 32 -3.55 0.89 2.06
N CYS A 33 -2.32 1.32 1.83
CA CYS A 33 -1.53 2.00 2.85
C CYS A 33 -2.23 3.27 3.31
N GLY A 34 -2.38 4.22 2.40
CA GLY A 34 -3.03 5.48 2.73
C GLY A 34 -4.37 5.28 3.39
N ALA A 35 -5.08 4.21 3.00
CA ALA A 35 -6.38 3.91 3.56
C ALA A 35 -7.39 5.01 3.25
N CYS A 36 -7.27 5.59 2.06
CA CYS A 36 -8.16 6.66 1.64
C CYS A 36 -9.49 6.09 1.14
N ALA A 1 -7.97 10.52 -6.00
CA ALA A 1 -6.99 10.60 -4.93
C ALA A 1 -6.58 9.21 -4.46
N CYS A 2 -7.52 8.47 -3.88
CA CYS A 2 -7.26 7.12 -3.39
C CYS A 2 -7.14 6.14 -4.55
N LYS A 3 -5.92 5.90 -5.00
CA LYS A 3 -5.67 4.98 -6.09
C LYS A 3 -4.41 4.16 -5.84
N ASP A 4 -4.54 2.84 -5.96
CA ASP A 4 -3.41 1.94 -5.75
C ASP A 4 -2.83 1.47 -7.08
N VAL A 5 -1.58 1.82 -7.33
CA VAL A 5 -0.91 1.44 -8.57
C VAL A 5 -0.40 0.00 -8.49
N PHE A 6 0.28 -0.32 -7.40
CA PHE A 6 0.83 -1.66 -7.20
C PHE A 6 -0.30 -2.68 -7.02
N PRO A 7 0.02 -3.96 -7.26
CA PRO A 7 -0.94 -5.06 -7.14
C PRO A 7 -1.33 -5.33 -5.69
N ALA A 8 -2.59 -5.67 -5.48
CA ALA A 8 -3.09 -5.96 -4.14
C ALA A 8 -2.28 -7.08 -3.48
N ALA A 9 -1.67 -7.93 -4.31
CA ALA A 9 -0.86 -9.04 -3.80
C ALA A 9 0.44 -8.53 -3.20
N THR A 10 1.08 -7.59 -3.86
CA THR A 10 2.33 -7.02 -3.38
C THR A 10 2.09 -5.99 -2.27
N CYS A 11 0.86 -5.47 -2.22
CA CYS A 11 0.51 -4.48 -1.22
C CYS A 11 0.00 -5.16 0.05
N ARG A 12 -0.94 -6.08 -0.11
CA ARG A 12 -1.52 -6.79 1.02
C ARG A 12 -0.42 -7.36 1.91
N HIS A 13 0.69 -7.78 1.29
CA HIS A 13 1.80 -8.35 2.03
C HIS A 13 2.39 -7.33 3.01
N ALA A 14 2.59 -6.11 2.54
CA ALA A 14 3.13 -5.05 3.37
C ALA A 14 2.21 -4.75 4.56
N LYS A 15 0.91 -4.73 4.30
CA LYS A 15 -0.07 -4.47 5.35
C LYS A 15 -0.11 -5.61 6.36
N SER A 16 -0.16 -6.84 5.87
CA SER A 16 -0.19 -8.01 6.74
C SER A 16 0.77 -7.85 7.90
N VAL A 17 1.94 -7.30 7.62
CA VAL A 17 2.96 -7.09 8.65
C VAL A 17 2.86 -5.68 9.24
N GLY A 18 2.47 -4.72 8.40
CA GLY A 18 2.35 -3.35 8.86
C GLY A 18 3.52 -2.49 8.44
N ASN A 19 3.93 -2.63 7.18
CA ASN A 19 5.06 -1.86 6.65
C ASN A 19 4.56 -0.65 5.85
N CYS A 20 3.29 -0.30 6.04
CA CYS A 20 2.71 0.82 5.33
C CYS A 20 3.52 2.08 5.55
N SER A 21 4.20 2.16 6.69
CA SER A 21 5.03 3.32 7.02
C SER A 21 5.99 3.63 5.88
N SER A 22 6.48 2.60 5.22
CA SER A 22 7.42 2.75 4.11
C SER A 22 6.81 3.60 3.01
N GLU A 23 7.52 3.71 1.88
CA GLU A 23 7.04 4.49 0.75
C GLU A 23 6.82 3.60 -0.47
N LYS A 24 7.64 2.57 -0.60
CA LYS A 24 7.54 1.64 -1.72
C LYS A 24 6.11 1.09 -1.84
N TYR A 25 5.43 0.96 -0.70
CA TYR A 25 4.07 0.45 -0.67
C TYR A 25 3.11 1.48 -0.07
N LYS A 26 3.38 2.75 -0.35
CA LYS A 26 2.54 3.84 0.16
C LYS A 26 2.35 4.92 -0.90
N ARG A 27 3.43 5.25 -1.60
CA ARG A 27 3.38 6.27 -2.64
C ARG A 27 2.52 5.81 -3.81
N ASN A 28 2.50 4.50 -4.05
CA ASN A 28 1.71 3.94 -5.14
C ASN A 28 0.40 3.37 -4.63
N CYS A 29 0.48 2.54 -3.58
CA CYS A 29 -0.70 1.92 -2.99
C CYS A 29 -1.41 2.90 -2.06
N ALA A 30 -1.79 4.05 -2.59
CA ALA A 30 -2.48 5.07 -1.80
C ALA A 30 -3.70 4.48 -1.09
N ILE A 31 -4.49 3.71 -1.82
CA ILE A 31 -5.69 3.09 -1.27
C ILE A 31 -5.32 2.14 -0.13
N THR A 32 -4.72 1.00 -0.49
CA THR A 32 -4.33 0.00 0.51
C THR A 32 -3.71 0.67 1.73
N CYS A 33 -2.57 1.31 1.54
CA CYS A 33 -1.87 1.98 2.63
C CYS A 33 -2.81 2.93 3.37
N GLY A 34 -3.36 3.90 2.64
CA GLY A 34 -4.27 4.86 3.24
C GLY A 34 -5.38 4.18 4.04
N ALA A 35 -5.72 2.97 3.65
CA ALA A 35 -6.77 2.22 4.34
C ALA A 35 -8.13 2.88 4.16
N CYS A 36 -8.34 3.49 2.99
CA CYS A 36 -9.60 4.16 2.70
C CYS A 36 -10.60 3.21 2.06
N ALA A 1 -6.21 12.14 -7.61
CA ALA A 1 -6.76 10.81 -7.86
C ALA A 1 -6.38 9.85 -6.75
N CYS A 2 -7.31 8.97 -6.38
CA CYS A 2 -7.07 7.98 -5.33
C CYS A 2 -7.25 6.56 -5.87
N LYS A 3 -6.14 5.85 -6.02
CA LYS A 3 -6.17 4.48 -6.52
C LYS A 3 -4.82 3.80 -6.31
N ASP A 4 -4.85 2.61 -5.74
CA ASP A 4 -3.64 1.84 -5.48
C ASP A 4 -2.94 1.47 -6.78
N VAL A 5 -1.72 1.95 -6.97
CA VAL A 5 -0.95 1.66 -8.18
C VAL A 5 -0.32 0.27 -8.11
N PHE A 6 0.12 -0.10 -6.92
CA PHE A 6 0.74 -1.42 -6.73
C PHE A 6 -0.30 -2.53 -6.73
N PRO A 7 0.16 -3.77 -7.00
CA PRO A 7 -0.73 -4.93 -7.04
C PRO A 7 -1.26 -5.32 -5.67
N ALA A 8 -2.53 -5.73 -5.63
CA ALA A 8 -3.15 -6.13 -4.37
C ALA A 8 -2.36 -7.23 -3.69
N ALA A 9 -1.63 -8.01 -4.48
CA ALA A 9 -0.82 -9.09 -3.94
C ALA A 9 0.38 -8.56 -3.15
N THR A 10 0.92 -7.43 -3.60
CA THR A 10 2.07 -6.83 -2.93
C THR A 10 1.61 -5.89 -1.82
N CYS A 11 0.37 -5.42 -1.91
CA CYS A 11 -0.18 -4.52 -0.91
C CYS A 11 -0.82 -5.29 0.24
N ARG A 12 -1.58 -6.33 -0.10
CA ARG A 12 -2.25 -7.14 0.89
C ARG A 12 -1.23 -7.75 1.87
N HIS A 13 -0.05 -8.08 1.35
CA HIS A 13 1.00 -8.67 2.17
C HIS A 13 1.76 -7.58 2.94
N ALA A 14 1.94 -6.43 2.30
CA ALA A 14 2.65 -5.33 2.93
C ALA A 14 2.07 -5.01 4.30
N LYS A 15 0.75 -4.85 4.35
CA LYS A 15 0.07 -4.54 5.61
C LYS A 15 0.27 -5.66 6.63
N SER A 16 -0.04 -6.89 6.23
CA SER A 16 0.10 -8.06 7.09
C SER A 16 1.40 -7.98 7.89
N VAL A 17 2.52 -7.87 7.17
CA VAL A 17 3.83 -7.78 7.81
C VAL A 17 4.02 -6.43 8.49
N GLY A 18 3.46 -5.38 7.90
CA GLY A 18 3.59 -4.06 8.46
C GLY A 18 4.63 -3.21 7.75
N ASN A 19 4.80 -3.47 6.46
CA ASN A 19 5.78 -2.73 5.67
C ASN A 19 5.22 -1.38 5.22
N CYS A 20 3.91 -1.21 5.37
CA CYS A 20 3.24 0.02 4.99
C CYS A 20 3.98 1.23 5.55
N SER A 21 4.58 1.06 6.72
CA SER A 21 5.33 2.14 7.37
C SER A 21 6.32 2.77 6.40
N SER A 22 6.88 1.95 5.52
CA SER A 22 7.86 2.43 4.54
C SER A 22 7.22 3.43 3.59
N GLU A 23 7.94 3.77 2.53
CA GLU A 23 7.44 4.73 1.54
C GLU A 23 7.34 4.07 0.16
N LYS A 24 8.23 3.13 -0.11
CA LYS A 24 8.26 2.43 -1.38
C LYS A 24 6.87 1.90 -1.73
N TYR A 25 6.08 1.57 -0.70
CA TYR A 25 4.74 1.04 -0.89
C TYR A 25 3.72 1.88 -0.13
N LYS A 26 3.90 3.20 -0.16
CA LYS A 26 2.99 4.12 0.52
C LYS A 26 2.38 5.10 -0.46
N ARG A 27 3.15 5.48 -1.48
CA ARG A 27 2.68 6.43 -2.48
C ARG A 27 1.76 5.75 -3.47
N ASN A 28 2.13 4.55 -3.91
CA ASN A 28 1.33 3.78 -4.86
C ASN A 28 0.02 3.32 -4.22
N CYS A 29 0.14 2.47 -3.21
CA CYS A 29 -1.04 1.95 -2.51
C CYS A 29 -1.55 2.96 -1.49
N ALA A 30 -2.33 3.93 -1.96
CA ALA A 30 -2.88 4.96 -1.09
C ALA A 30 -4.15 4.45 -0.38
N ILE A 31 -4.90 3.60 -1.07
CA ILE A 31 -6.12 3.06 -0.52
C ILE A 31 -5.83 1.97 0.52
N THR A 32 -4.70 1.29 0.34
CA THR A 32 -4.30 0.23 1.25
C THR A 32 -3.44 0.78 2.39
N CYS A 33 -2.48 1.63 2.04
CA CYS A 33 -1.59 2.23 3.03
C CYS A 33 -2.22 3.49 3.62
N GLY A 34 -2.42 4.50 2.78
CA GLY A 34 -3.00 5.75 3.24
C GLY A 34 -4.41 5.57 3.75
N ALA A 35 -5.05 4.45 3.37
CA ALA A 35 -6.41 4.17 3.80
C ALA A 35 -7.39 5.17 3.21
N CYS A 36 -7.18 5.54 1.96
CA CYS A 36 -8.06 6.50 1.28
C CYS A 36 -9.46 5.93 1.12
N ALA A 1 -8.91 10.24 -7.26
CA ALA A 1 -7.92 9.78 -8.22
C ALA A 1 -6.75 9.09 -7.50
N CYS A 2 -7.05 8.42 -6.40
CA CYS A 2 -6.03 7.73 -5.63
C CYS A 2 -6.25 6.22 -5.67
N LYS A 3 -6.07 5.63 -6.84
CA LYS A 3 -6.25 4.20 -7.02
C LYS A 3 -4.93 3.46 -6.78
N ASP A 4 -5.02 2.32 -6.10
CA ASP A 4 -3.83 1.51 -5.82
C ASP A 4 -3.04 1.24 -7.09
N VAL A 5 -1.83 1.79 -7.16
CA VAL A 5 -0.97 1.61 -8.32
C VAL A 5 -0.26 0.26 -8.27
N PHE A 6 0.28 -0.07 -7.10
CA PHE A 6 0.99 -1.34 -6.93
C PHE A 6 0.02 -2.51 -6.97
N PRO A 7 0.56 -3.71 -7.22
CA PRO A 7 -0.23 -4.94 -7.29
C PRO A 7 -0.78 -5.37 -5.93
N ALA A 8 -2.00 -5.90 -5.92
CA ALA A 8 -2.63 -6.35 -4.69
C ALA A 8 -1.74 -7.33 -3.95
N ALA A 9 -1.01 -8.16 -4.70
CA ALA A 9 -0.12 -9.14 -4.10
C ALA A 9 0.79 -8.51 -3.07
N THR A 10 1.48 -7.45 -3.47
CA THR A 10 2.40 -6.75 -2.57
C THR A 10 1.64 -5.91 -1.55
N CYS A 11 0.68 -5.12 -2.04
CA CYS A 11 -0.12 -4.26 -1.17
C CYS A 11 -0.51 -5.00 0.10
N ARG A 12 -1.36 -6.02 -0.05
CA ARG A 12 -1.83 -6.80 1.08
C ARG A 12 -0.65 -7.29 1.92
N HIS A 13 0.42 -7.68 1.24
CA HIS A 13 1.61 -8.17 1.93
C HIS A 13 2.08 -7.18 2.99
N ALA A 14 2.12 -5.90 2.64
CA ALA A 14 2.53 -4.86 3.56
C ALA A 14 1.57 -4.75 4.74
N LYS A 15 0.30 -5.09 4.50
CA LYS A 15 -0.71 -5.04 5.55
C LYS A 15 -0.67 -6.30 6.41
N SER A 16 -0.11 -7.37 5.86
CA SER A 16 -0.02 -8.63 6.58
C SER A 16 1.28 -8.69 7.40
N VAL A 17 2.34 -8.10 6.87
CA VAL A 17 3.63 -8.09 7.55
C VAL A 17 3.82 -6.80 8.34
N GLY A 18 3.26 -5.70 7.82
CA GLY A 18 3.38 -4.42 8.48
C GLY A 18 4.50 -3.57 7.91
N ASN A 19 4.45 -3.35 6.60
CA ASN A 19 5.48 -2.54 5.93
C ASN A 19 4.90 -1.20 5.49
N CYS A 20 3.67 -0.92 5.90
CA CYS A 20 3.02 0.33 5.55
C CYS A 20 3.80 1.53 6.08
N SER A 21 4.57 1.30 7.14
CA SER A 21 5.36 2.37 7.73
C SER A 21 6.39 2.90 6.75
N SER A 22 6.88 2.01 5.88
CA SER A 22 7.88 2.39 4.88
C SER A 22 7.33 3.47 3.96
N GLU A 23 8.05 3.73 2.87
CA GLU A 23 7.65 4.75 1.90
C GLU A 23 7.47 4.14 0.52
N LYS A 24 8.29 3.14 0.20
CA LYS A 24 8.22 2.48 -1.09
C LYS A 24 6.80 2.02 -1.39
N TYR A 25 6.07 1.63 -0.35
CA TYR A 25 4.70 1.17 -0.50
C TYR A 25 3.74 2.06 0.28
N LYS A 26 4.07 3.34 0.37
CA LYS A 26 3.23 4.29 1.10
C LYS A 26 2.81 5.45 0.19
N ARG A 27 2.67 5.16 -1.10
CA ARG A 27 2.28 6.17 -2.07
C ARG A 27 1.45 5.55 -3.20
N ASN A 28 1.96 4.48 -3.78
CA ASN A 28 1.28 3.79 -4.87
C ASN A 28 -0.06 3.22 -4.39
N CYS A 29 0.01 2.27 -3.47
CA CYS A 29 -1.20 1.65 -2.92
C CYS A 29 -1.83 2.51 -1.84
N ALA A 30 -2.13 3.76 -2.19
CA ALA A 30 -2.74 4.69 -1.24
C ALA A 30 -3.92 4.06 -0.52
N ILE A 31 -4.77 3.37 -1.29
CA ILE A 31 -5.95 2.72 -0.72
C ILE A 31 -5.54 1.68 0.32
N THR A 32 -4.93 0.59 -0.13
CA THR A 32 -4.49 -0.47 0.76
C THR A 32 -3.86 0.10 2.03
N CYS A 33 -2.71 0.73 1.86
CA CYS A 33 -2.00 1.32 3.00
C CYS A 33 -2.92 2.24 3.80
N GLY A 34 -3.82 2.93 3.11
CA GLY A 34 -4.74 3.82 3.77
C GLY A 34 -4.17 5.21 3.98
N ALA A 35 -3.54 5.75 2.94
CA ALA A 35 -2.93 7.08 3.02
C ALA A 35 -3.87 8.13 2.44
N CYS A 36 -4.18 8.00 1.15
CA CYS A 36 -5.06 8.95 0.48
C CYS A 36 -6.51 8.53 0.63
N ALA A 1 -8.35 10.31 -7.90
CA ALA A 1 -7.49 9.39 -8.64
C ALA A 1 -6.63 8.57 -7.68
N CYS A 2 -7.18 8.26 -6.51
CA CYS A 2 -6.46 7.49 -5.51
C CYS A 2 -6.60 6.00 -5.78
N LYS A 3 -5.97 5.53 -6.85
CA LYS A 3 -6.02 4.12 -7.22
C LYS A 3 -4.69 3.44 -6.93
N ASP A 4 -4.75 2.32 -6.22
CA ASP A 4 -3.54 1.56 -5.87
C ASP A 4 -2.71 1.29 -7.11
N VAL A 5 -1.51 1.86 -7.16
CA VAL A 5 -0.61 1.68 -8.29
C VAL A 5 0.12 0.35 -8.20
N PHE A 6 0.44 -0.07 -6.97
CA PHE A 6 1.15 -1.32 -6.74
C PHE A 6 0.19 -2.50 -6.84
N PRO A 7 0.75 -3.71 -7.05
CA PRO A 7 -0.04 -4.93 -7.17
C PRO A 7 -0.66 -5.35 -5.84
N ALA A 8 -1.92 -5.78 -5.89
CA ALA A 8 -2.63 -6.21 -4.70
C ALA A 8 -1.83 -7.25 -3.92
N ALA A 9 -1.16 -8.13 -4.66
CA ALA A 9 -0.35 -9.18 -4.03
C ALA A 9 0.60 -8.59 -2.99
N THR A 10 1.31 -7.53 -3.38
CA THR A 10 2.25 -6.89 -2.47
C THR A 10 1.53 -6.07 -1.41
N CYS A 11 0.57 -5.26 -1.85
CA CYS A 11 -0.19 -4.41 -0.93
C CYS A 11 -0.57 -5.19 0.33
N ARG A 12 -1.43 -6.19 0.16
CA ARG A 12 -1.87 -7.00 1.28
C ARG A 12 -0.68 -7.52 2.08
N HIS A 13 0.39 -7.87 1.38
CA HIS A 13 1.59 -8.38 2.04
C HIS A 13 2.14 -7.37 3.03
N ALA A 14 2.05 -6.09 2.68
CA ALA A 14 2.53 -5.02 3.55
C ALA A 14 1.64 -4.86 4.77
N LYS A 15 0.34 -5.07 4.57
CA LYS A 15 -0.62 -4.94 5.66
C LYS A 15 -0.54 -6.14 6.60
N SER A 16 -0.07 -7.26 6.08
CA SER A 16 0.06 -8.48 6.88
C SER A 16 1.42 -8.54 7.55
N VAL A 17 2.47 -8.35 6.75
CA VAL A 17 3.83 -8.38 7.27
C VAL A 17 4.17 -7.12 8.04
N GLY A 18 3.48 -6.03 7.71
CA GLY A 18 3.70 -4.77 8.38
C GLY A 18 4.79 -3.94 7.72
N ASN A 19 4.68 -3.77 6.41
CA ASN A 19 5.66 -3.00 5.65
C ASN A 19 5.16 -1.59 5.38
N CYS A 20 3.86 -1.39 5.56
CA CYS A 20 3.24 -0.08 5.34
C CYS A 20 4.04 1.02 6.03
N SER A 21 4.66 0.68 7.17
CA SER A 21 5.46 1.64 7.92
C SER A 21 6.44 2.36 7.01
N SER A 22 6.93 1.65 6.00
CA SER A 22 7.89 2.23 5.06
C SER A 22 7.24 3.33 4.23
N GLU A 23 7.93 3.76 3.17
CA GLU A 23 7.42 4.81 2.30
C GLU A 23 7.29 4.30 0.86
N LYS A 24 8.20 3.40 0.48
CA LYS A 24 8.20 2.84 -0.86
C LYS A 24 6.80 2.34 -1.24
N TYR A 25 6.06 1.87 -0.25
CA TYR A 25 4.71 1.37 -0.48
C TYR A 25 3.69 2.13 0.35
N LYS A 26 3.98 3.41 0.59
CA LYS A 26 3.08 4.25 1.38
C LYS A 26 2.57 5.42 0.54
N ARG A 27 2.35 5.17 -0.74
CA ARG A 27 1.86 6.20 -1.65
C ARG A 27 1.12 5.58 -2.84
N ASN A 28 1.75 4.59 -3.47
CA ASN A 28 1.15 3.91 -4.61
C ASN A 28 -0.15 3.22 -4.22
N CYS A 29 -0.04 2.22 -3.34
CA CYS A 29 -1.20 1.48 -2.88
C CYS A 29 -1.91 2.22 -1.75
N ALA A 30 -2.29 3.47 -2.02
CA ALA A 30 -2.97 4.29 -1.03
C ALA A 30 -4.23 3.60 -0.53
N ILE A 31 -5.02 3.07 -1.46
CA ILE A 31 -6.26 2.38 -1.11
C ILE A 31 -6.01 1.31 -0.05
N THR A 32 -4.83 0.71 -0.10
CA THR A 32 -4.47 -0.34 0.86
C THR A 32 -3.79 0.26 2.09
N CYS A 33 -2.64 0.88 1.88
CA CYS A 33 -1.89 1.48 2.99
C CYS A 33 -2.71 2.60 3.64
N GLY A 34 -2.88 3.70 2.91
CA GLY A 34 -3.64 4.82 3.43
C GLY A 34 -2.97 6.15 3.15
N ALA A 35 -2.59 6.38 1.90
CA ALA A 35 -1.94 7.62 1.51
C ALA A 35 -2.96 8.75 1.36
N CYS A 36 -4.14 8.41 0.86
CA CYS A 36 -5.19 9.40 0.68
C CYS A 36 -6.57 8.76 0.83
N ALA A 1 -8.85 10.94 -7.87
CA ALA A 1 -9.34 9.84 -7.04
C ALA A 1 -8.20 8.89 -6.70
N CYS A 2 -8.18 8.43 -5.45
CA CYS A 2 -7.14 7.51 -4.99
C CYS A 2 -7.30 6.15 -5.65
N LYS A 3 -6.17 5.53 -5.99
CA LYS A 3 -6.17 4.21 -6.63
C LYS A 3 -4.86 3.48 -6.38
N ASP A 4 -4.96 2.21 -6.02
CA ASP A 4 -3.78 1.40 -5.75
C ASP A 4 -2.99 1.15 -7.03
N VAL A 5 -1.79 1.73 -7.10
CA VAL A 5 -0.94 1.57 -8.26
C VAL A 5 -0.20 0.23 -8.24
N PHE A 6 0.16 -0.21 -7.04
CA PHE A 6 0.88 -1.46 -6.87
C PHE A 6 -0.09 -2.64 -6.88
N PRO A 7 0.43 -3.84 -7.16
CA PRO A 7 -0.37 -5.07 -7.20
C PRO A 7 -0.86 -5.49 -5.83
N ALA A 8 -2.00 -6.17 -5.79
CA ALA A 8 -2.58 -6.63 -4.54
C ALA A 8 -1.61 -7.53 -3.78
N ALA A 9 -0.98 -8.46 -4.51
CA ALA A 9 -0.03 -9.39 -3.92
C ALA A 9 1.07 -8.63 -3.18
N THR A 10 1.32 -7.39 -3.59
CA THR A 10 2.35 -6.57 -2.99
C THR A 10 1.75 -5.54 -2.04
N CYS A 11 0.44 -5.33 -2.16
CA CYS A 11 -0.27 -4.37 -1.33
C CYS A 11 -0.73 -5.02 -0.02
N ARG A 12 -1.36 -6.18 -0.14
CA ARG A 12 -1.86 -6.91 1.02
C ARG A 12 -0.72 -7.54 1.80
N HIS A 13 0.24 -8.12 1.08
CA HIS A 13 1.40 -8.76 1.71
C HIS A 13 2.17 -7.76 2.55
N ALA A 14 2.18 -6.50 2.12
CA ALA A 14 2.89 -5.45 2.85
C ALA A 14 2.25 -5.21 4.21
N LYS A 15 0.95 -4.99 4.22
CA LYS A 15 0.22 -4.75 5.47
C LYS A 15 0.29 -5.96 6.38
N SER A 16 0.05 -7.14 5.82
CA SER A 16 0.08 -8.38 6.58
C SER A 16 1.26 -8.38 7.56
N VAL A 17 2.39 -7.88 7.10
CA VAL A 17 3.60 -7.83 7.93
C VAL A 17 3.74 -6.47 8.59
N GLY A 18 3.28 -5.43 7.91
CA GLY A 18 3.37 -4.09 8.45
C GLY A 18 4.46 -3.26 7.80
N ASN A 19 4.70 -3.52 6.51
CA ASN A 19 5.72 -2.80 5.76
C ASN A 19 5.23 -1.41 5.37
N CYS A 20 3.93 -1.18 5.52
CA CYS A 20 3.33 0.11 5.19
C CYS A 20 4.14 1.25 5.81
N SER A 21 4.73 1.00 6.97
CA SER A 21 5.52 2.01 7.66
C SER A 21 6.56 2.62 6.72
N SER A 22 7.10 1.79 5.84
CA SER A 22 8.11 2.24 4.89
C SER A 22 7.55 3.32 3.97
N GLU A 23 8.28 3.62 2.90
CA GLU A 23 7.86 4.64 1.94
C GLU A 23 7.71 4.03 0.55
N LYS A 24 8.55 3.05 0.24
CA LYS A 24 8.50 2.39 -1.06
C LYS A 24 7.08 1.93 -1.39
N TYR A 25 6.34 1.54 -0.36
CA TYR A 25 4.97 1.07 -0.54
C TYR A 25 4.00 1.93 0.26
N LYS A 26 4.31 3.22 0.38
CA LYS A 26 3.46 4.14 1.13
C LYS A 26 3.10 5.34 0.27
N ARG A 27 2.88 5.11 -1.03
CA ARG A 27 2.52 6.17 -1.95
C ARG A 27 1.76 5.62 -3.15
N ASN A 28 2.27 4.54 -3.72
CA ASN A 28 1.63 3.92 -4.88
C ASN A 28 0.28 3.31 -4.50
N CYS A 29 0.31 2.38 -3.55
CA CYS A 29 -0.92 1.73 -3.09
C CYS A 29 -1.65 2.59 -2.07
N ALA A 30 -1.97 3.82 -2.47
CA ALA A 30 -2.67 4.75 -1.60
C ALA A 30 -3.94 4.11 -1.03
N ILE A 31 -4.67 3.40 -1.87
CA ILE A 31 -5.90 2.74 -1.45
C ILE A 31 -5.65 1.81 -0.25
N THR A 32 -4.45 1.22 -0.23
CA THR A 32 -4.08 0.31 0.86
C THR A 32 -3.42 1.07 2.00
N CYS A 33 -2.22 1.58 1.75
CA CYS A 33 -1.48 2.32 2.76
C CYS A 33 -2.22 3.60 3.15
N GLY A 34 -2.39 4.49 2.18
CA GLY A 34 -3.08 5.75 2.44
C GLY A 34 -4.43 5.54 3.10
N ALA A 35 -5.08 4.43 2.76
CA ALA A 35 -6.39 4.12 3.33
C ALA A 35 -7.43 5.15 2.90
N CYS A 36 -7.32 5.63 1.67
CA CYS A 36 -8.25 6.61 1.14
C CYS A 36 -9.69 6.15 1.31
N ALA A 1 -6.22 12.09 -8.29
CA ALA A 1 -6.84 11.13 -7.37
C ALA A 1 -5.79 10.19 -6.79
N CYS A 2 -6.25 9.27 -5.95
CA CYS A 2 -5.36 8.30 -5.32
C CYS A 2 -5.85 6.88 -5.55
N LYS A 3 -5.08 6.10 -6.30
CA LYS A 3 -5.44 4.71 -6.59
C LYS A 3 -4.23 3.79 -6.43
N ASP A 4 -4.45 2.65 -5.80
CA ASP A 4 -3.38 1.68 -5.59
C ASP A 4 -2.68 1.33 -6.90
N VAL A 5 -1.45 1.78 -7.04
CA VAL A 5 -0.67 1.53 -8.25
C VAL A 5 -0.07 0.12 -8.23
N PHE A 6 0.32 -0.33 -7.04
CA PHE A 6 0.90 -1.66 -6.88
C PHE A 6 -0.19 -2.73 -6.87
N PRO A 7 0.21 -3.97 -7.18
CA PRO A 7 -0.71 -5.12 -7.21
C PRO A 7 -1.19 -5.51 -5.82
N ALA A 8 -2.45 -5.90 -5.72
CA ALA A 8 -3.03 -6.30 -4.44
C ALA A 8 -2.16 -7.34 -3.75
N ALA A 9 -1.49 -8.18 -4.55
CA ALA A 9 -0.62 -9.22 -4.01
C ALA A 9 0.56 -8.61 -3.27
N THR A 10 1.27 -7.70 -3.94
CA THR A 10 2.43 -7.05 -3.34
C THR A 10 2.01 -6.14 -2.18
N CYS A 11 0.74 -5.76 -2.16
CA CYS A 11 0.21 -4.90 -1.11
C CYS A 11 -0.28 -5.73 0.08
N ARG A 12 -0.73 -6.94 -0.21
CA ARG A 12 -1.23 -7.83 0.84
C ARG A 12 -0.09 -8.29 1.75
N HIS A 13 1.13 -8.28 1.22
CA HIS A 13 2.30 -8.69 1.99
C HIS A 13 2.72 -7.59 2.96
N ALA A 14 2.92 -6.39 2.44
CA ALA A 14 3.33 -5.25 3.26
C ALA A 14 2.42 -5.11 4.48
N LYS A 15 1.13 -4.89 4.22
CA LYS A 15 0.16 -4.73 5.30
C LYS A 15 0.16 -5.94 6.22
N SER A 16 0.13 -7.13 5.64
CA SER A 16 0.14 -8.37 6.41
C SER A 16 1.11 -8.27 7.59
N VAL A 17 2.35 -7.87 7.30
CA VAL A 17 3.36 -7.73 8.33
C VAL A 17 3.26 -6.39 9.03
N GLY A 18 2.78 -5.38 8.31
CA GLY A 18 2.64 -4.05 8.88
C GLY A 18 3.72 -3.10 8.41
N ASN A 19 4.09 -3.20 7.13
CA ASN A 19 5.10 -2.34 6.56
C ASN A 19 4.48 -1.12 5.87
N CYS A 20 3.27 -0.78 6.29
CA CYS A 20 2.56 0.36 5.71
C CYS A 20 3.30 1.65 5.99
N SER A 21 4.10 1.66 7.06
CA SER A 21 4.86 2.84 7.44
C SER A 21 5.83 3.24 6.33
N SER A 22 6.38 2.24 5.64
CA SER A 22 7.32 2.49 4.56
C SER A 22 6.73 3.43 3.51
N GLU A 23 7.51 3.77 2.50
CA GLU A 23 7.06 4.65 1.43
C GLU A 23 6.86 3.88 0.13
N LYS A 24 7.71 2.89 -0.10
CA LYS A 24 7.63 2.08 -1.31
C LYS A 24 6.21 1.56 -1.51
N TYR A 25 5.49 1.34 -0.42
CA TYR A 25 4.13 0.84 -0.48
C TYR A 25 3.17 1.80 0.22
N LYS A 26 3.34 3.09 -0.02
CA LYS A 26 2.50 4.11 0.57
C LYS A 26 2.08 5.16 -0.45
N ARG A 27 3.01 5.53 -1.31
CA ARG A 27 2.75 6.53 -2.35
C ARG A 27 1.96 5.91 -3.50
N ASN A 28 2.18 4.62 -3.73
CA ASN A 28 1.49 3.91 -4.81
C ASN A 28 0.25 3.19 -4.28
N CYS A 29 0.46 2.20 -3.43
CA CYS A 29 -0.64 1.43 -2.85
C CYS A 29 -1.26 2.19 -1.68
N ALA A 30 -1.73 3.40 -1.94
CA ALA A 30 -2.35 4.21 -0.90
C ALA A 30 -3.72 3.67 -0.51
N ILE A 31 -4.50 3.28 -1.51
CA ILE A 31 -5.83 2.73 -1.27
C ILE A 31 -5.78 1.56 -0.30
N THR A 32 -4.64 0.86 -0.29
CA THR A 32 -4.46 -0.29 0.60
C THR A 32 -3.88 0.15 1.95
N CYS A 33 -2.87 1.01 1.90
CA CYS A 33 -2.23 1.51 3.11
C CYS A 33 -3.22 2.27 3.98
N GLY A 34 -3.85 3.29 3.39
CA GLY A 34 -4.82 4.09 4.12
C GLY A 34 -4.29 5.47 4.46
N ALA A 35 -3.66 6.12 3.49
CA ALA A 35 -3.10 7.45 3.70
C ALA A 35 -4.01 8.51 3.09
N CYS A 36 -4.50 8.25 1.88
CA CYS A 36 -5.37 9.20 1.18
C CYS A 36 -6.69 9.37 1.93
N ALA A 1 -8.48 9.91 -7.71
CA ALA A 1 -7.12 9.88 -8.23
C ALA A 1 -6.16 9.23 -7.26
N CYS A 2 -6.65 8.24 -6.52
CA CYS A 2 -5.82 7.54 -5.54
C CYS A 2 -6.05 6.03 -5.62
N LYS A 3 -5.65 5.45 -6.75
CA LYS A 3 -5.81 4.01 -6.96
C LYS A 3 -4.48 3.28 -6.72
N ASP A 4 -4.55 2.17 -6.00
CA ASP A 4 -3.35 1.37 -5.71
C ASP A 4 -2.58 1.07 -6.98
N VAL A 5 -1.38 1.63 -7.09
CA VAL A 5 -0.54 1.41 -8.26
C VAL A 5 0.18 0.06 -8.18
N PHE A 6 0.61 -0.30 -6.97
CA PHE A 6 1.31 -1.56 -6.76
C PHE A 6 0.35 -2.74 -6.85
N PRO A 7 0.91 -3.94 -7.06
CA PRO A 7 0.12 -5.17 -7.18
C PRO A 7 -0.50 -5.59 -5.84
N ALA A 8 -1.65 -6.26 -5.91
CA ALA A 8 -2.33 -6.71 -4.72
C ALA A 8 -1.48 -7.70 -3.93
N ALA A 9 -0.78 -8.58 -4.64
CA ALA A 9 0.07 -9.57 -4.01
C ALA A 9 0.99 -8.92 -2.97
N THR A 10 1.50 -7.74 -3.29
CA THR A 10 2.39 -7.02 -2.38
C THR A 10 1.59 -6.13 -1.44
N CYS A 11 0.63 -5.39 -1.99
CA CYS A 11 -0.20 -4.50 -1.19
C CYS A 11 -0.59 -5.15 0.13
N ARG A 12 -1.40 -6.20 0.04
CA ARG A 12 -1.86 -6.92 1.22
C ARG A 12 -0.68 -7.42 2.04
N HIS A 13 0.28 -8.05 1.36
CA HIS A 13 1.46 -8.58 2.03
C HIS A 13 2.10 -7.53 2.92
N ALA A 14 2.08 -6.28 2.47
CA ALA A 14 2.66 -5.18 3.23
C ALA A 14 1.87 -4.94 4.52
N LYS A 15 0.55 -5.11 4.46
CA LYS A 15 -0.31 -4.90 5.61
C LYS A 15 -0.23 -6.10 6.56
N SER A 16 0.15 -7.26 6.02
CA SER A 16 0.27 -8.47 6.82
C SER A 16 1.65 -8.58 7.44
N VAL A 17 2.66 -8.11 6.72
CA VAL A 17 4.04 -8.16 7.20
C VAL A 17 4.39 -6.91 8.00
N GLY A 18 3.76 -5.80 7.64
CA GLY A 18 4.01 -4.54 8.33
C GLY A 18 5.00 -3.66 7.59
N ASN A 19 4.94 -3.70 6.26
CA ASN A 19 5.84 -2.90 5.43
C ASN A 19 5.19 -1.56 5.07
N CYS A 20 3.88 -1.51 5.15
CA CYS A 20 3.14 -0.28 4.84
C CYS A 20 3.76 0.92 5.54
N SER A 21 4.30 0.69 6.73
CA SER A 21 4.92 1.76 7.51
C SER A 21 5.90 2.55 6.65
N SER A 22 6.56 1.86 5.72
CA SER A 22 7.53 2.49 4.84
C SER A 22 6.83 3.44 3.85
N GLU A 23 7.58 3.90 2.86
CA GLU A 23 7.04 4.80 1.86
C GLU A 23 7.10 4.18 0.47
N LYS A 24 8.10 3.32 0.25
CA LYS A 24 8.28 2.66 -1.03
C LYS A 24 6.98 1.99 -1.47
N TYR A 25 6.17 1.58 -0.50
CA TYR A 25 4.89 0.92 -0.80
C TYR A 25 3.74 1.63 -0.10
N LYS A 26 3.84 2.96 -0.01
CA LYS A 26 2.81 3.75 0.63
C LYS A 26 2.18 4.73 -0.37
N ARG A 27 3.00 5.26 -1.27
CA ARG A 27 2.53 6.20 -2.28
C ARG A 27 1.71 5.49 -3.35
N ASN A 28 2.20 4.34 -3.80
CA ASN A 28 1.50 3.56 -4.81
C ASN A 28 0.20 3.00 -4.28
N CYS A 29 0.29 2.05 -3.36
CA CYS A 29 -0.88 1.43 -2.76
C CYS A 29 -1.45 2.31 -1.65
N ALA A 30 -1.73 3.56 -1.97
CA ALA A 30 -2.29 4.51 -1.01
C ALA A 30 -3.52 3.93 -0.32
N ILE A 31 -4.46 3.43 -1.13
CA ILE A 31 -5.68 2.85 -0.61
C ILE A 31 -5.39 1.81 0.46
N THR A 32 -4.85 0.67 0.04
CA THR A 32 -4.52 -0.41 0.96
C THR A 32 -3.89 0.14 2.24
N CYS A 33 -2.77 0.85 2.09
CA CYS A 33 -2.07 1.42 3.23
C CYS A 33 -3.02 2.22 4.11
N GLY A 34 -3.87 3.04 3.47
CA GLY A 34 -4.82 3.84 4.22
C GLY A 34 -4.65 5.33 3.96
N ALA A 35 -4.70 5.72 2.70
CA ALA A 35 -4.56 7.12 2.31
C ALA A 35 -5.45 7.46 1.13
N CYS A 36 -6.70 6.99 1.18
CA CYS A 36 -7.65 7.24 0.10
C CYS A 36 -9.05 6.78 0.50
N ALA A 1 -5.44 12.34 -6.93
CA ALA A 1 -5.72 10.93 -7.20
C ALA A 1 -5.27 10.04 -6.05
N CYS A 2 -6.23 9.43 -5.37
CA CYS A 2 -5.93 8.54 -4.25
C CYS A 2 -6.35 7.11 -4.55
N LYS A 3 -5.51 6.40 -5.30
CA LYS A 3 -5.79 5.01 -5.66
C LYS A 3 -4.57 4.13 -5.41
N ASP A 4 -4.74 2.83 -5.62
CA ASP A 4 -3.66 1.87 -5.43
C ASP A 4 -3.03 1.48 -6.77
N VAL A 5 -1.78 1.90 -6.97
CA VAL A 5 -1.07 1.61 -8.21
C VAL A 5 -0.50 0.19 -8.18
N PHE A 6 0.08 -0.18 -7.05
CA PHE A 6 0.67 -1.51 -6.89
C PHE A 6 -0.42 -2.57 -6.73
N PRO A 7 -0.06 -3.84 -6.98
CA PRO A 7 -0.98 -4.97 -6.88
C PRO A 7 -1.37 -5.26 -5.43
N ALA A 8 -2.65 -5.54 -5.20
CA ALA A 8 -3.14 -5.85 -3.88
C ALA A 8 -2.36 -6.99 -3.24
N ALA A 9 -1.77 -7.83 -4.08
CA ALA A 9 -0.99 -8.97 -3.61
C ALA A 9 0.31 -8.51 -2.96
N THR A 10 0.97 -7.55 -3.59
CA THR A 10 2.23 -7.01 -3.08
C THR A 10 1.98 -6.01 -1.97
N CYS A 11 0.78 -5.46 -1.92
CA CYS A 11 0.42 -4.47 -0.90
C CYS A 11 -0.12 -5.16 0.35
N ARG A 12 -1.09 -6.06 0.16
CA ARG A 12 -1.69 -6.78 1.27
C ARG A 12 -0.61 -7.38 2.18
N HIS A 13 0.50 -7.81 1.58
CA HIS A 13 1.59 -8.38 2.34
C HIS A 13 2.19 -7.36 3.31
N ALA A 14 2.30 -6.12 2.85
CA ALA A 14 2.85 -5.05 3.68
C ALA A 14 1.92 -4.72 4.83
N LYS A 15 0.62 -4.76 4.57
CA LYS A 15 -0.39 -4.45 5.58
C LYS A 15 -0.50 -5.60 6.59
N SER A 16 -0.09 -6.79 6.17
CA SER A 16 -0.15 -7.96 7.04
C SER A 16 1.13 -8.09 7.86
N VAL A 17 2.25 -7.68 7.28
CA VAL A 17 3.54 -7.75 7.95
C VAL A 17 3.78 -6.51 8.80
N GLY A 18 3.25 -5.37 8.35
CA GLY A 18 3.42 -4.13 9.07
C GLY A 18 4.47 -3.23 8.46
N ASN A 19 4.50 -3.17 7.13
CA ASN A 19 5.46 -2.35 6.41
C ASN A 19 4.79 -1.12 5.80
N CYS A 20 3.65 -0.73 6.38
CA CYS A 20 2.91 0.42 5.89
C CYS A 20 3.72 1.70 6.07
N SER A 21 4.66 1.68 7.01
CA SER A 21 5.50 2.84 7.28
C SER A 21 6.31 3.22 6.05
N SER A 22 6.88 2.22 5.39
CA SER A 22 7.68 2.44 4.19
C SER A 22 6.92 3.30 3.17
N GLU A 23 7.65 3.84 2.21
CA GLU A 23 7.04 4.68 1.18
C GLU A 23 6.80 3.89 -0.10
N LYS A 24 7.67 2.90 -0.35
CA LYS A 24 7.56 2.07 -1.54
C LYS A 24 6.14 1.54 -1.70
N TYR A 25 5.45 1.32 -0.58
CA TYR A 25 4.09 0.83 -0.61
C TYR A 25 3.15 1.78 0.12
N LYS A 26 3.29 3.08 -0.17
CA LYS A 26 2.46 4.10 0.45
C LYS A 26 2.06 5.17 -0.57
N ARG A 27 3.02 5.57 -1.40
CA ARG A 27 2.76 6.58 -2.42
C ARG A 27 1.91 6.01 -3.55
N ASN A 28 2.04 4.70 -3.78
CA ASN A 28 1.28 4.03 -4.84
C ASN A 28 0.03 3.38 -4.28
N CYS A 29 0.22 2.43 -3.37
CA CYS A 29 -0.90 1.73 -2.75
C CYS A 29 -1.52 2.56 -1.64
N ALA A 30 -2.30 3.58 -2.02
CA ALA A 30 -2.95 4.44 -1.05
C ALA A 30 -4.23 3.81 -0.51
N ILE A 31 -4.91 3.04 -1.37
CA ILE A 31 -6.14 2.38 -0.98
C ILE A 31 -5.87 1.22 -0.04
N THR A 32 -4.67 0.64 -0.15
CA THR A 32 -4.28 -0.48 0.71
C THR A 32 -3.62 0.00 1.99
N CYS A 33 -2.72 0.97 1.86
CA CYS A 33 -2.02 1.53 3.01
C CYS A 33 -2.75 2.75 3.56
N GLY A 34 -2.82 3.80 2.74
CA GLY A 34 -3.49 5.02 3.15
C GLY A 34 -4.89 4.76 3.68
N ALA A 35 -5.52 3.71 3.18
CA ALA A 35 -6.87 3.35 3.60
C ALA A 35 -7.87 4.43 3.20
N CYS A 36 -7.75 4.91 1.97
CA CYS A 36 -8.64 5.94 1.46
C CYS A 36 -10.10 5.55 1.65
N ALA A 1 -9.06 11.73 -6.57
CA ALA A 1 -9.30 10.30 -6.75
C ALA A 1 -8.03 9.50 -6.47
N CYS A 2 -8.14 8.51 -5.59
CA CYS A 2 -7.01 7.68 -5.23
C CYS A 2 -7.23 6.23 -5.68
N LYS A 3 -6.15 5.57 -6.09
CA LYS A 3 -6.24 4.19 -6.54
C LYS A 3 -4.92 3.45 -6.30
N ASP A 4 -5.00 2.23 -5.79
CA ASP A 4 -3.82 1.43 -5.51
C ASP A 4 -3.12 1.05 -6.80
N VAL A 5 -1.90 1.56 -6.98
CA VAL A 5 -1.12 1.27 -8.18
C VAL A 5 -0.43 -0.09 -8.08
N PHE A 6 0.19 -0.35 -6.92
CA PHE A 6 0.87 -1.62 -6.71
C PHE A 6 -0.10 -2.79 -6.76
N PRO A 7 0.43 -4.00 -6.98
CA PRO A 7 -0.38 -5.22 -7.06
C PRO A 7 -0.98 -5.61 -5.72
N ALA A 8 -2.17 -6.19 -5.75
CA ALA A 8 -2.85 -6.62 -4.53
C ALA A 8 -2.00 -7.62 -3.76
N ALA A 9 -1.31 -8.49 -4.47
CA ALA A 9 -0.46 -9.50 -3.85
C ALA A 9 0.48 -8.87 -2.83
N THR A 10 1.17 -7.81 -3.24
CA THR A 10 2.11 -7.11 -2.35
C THR A 10 1.36 -6.26 -1.34
N CYS A 11 0.43 -5.45 -1.83
CA CYS A 11 -0.35 -4.57 -0.96
C CYS A 11 -0.77 -5.29 0.32
N ARG A 12 -1.66 -6.28 0.17
CA ARG A 12 -2.14 -7.05 1.31
C ARG A 12 -0.97 -7.58 2.14
N HIS A 13 0.11 -7.95 1.45
CA HIS A 13 1.29 -8.49 2.12
C HIS A 13 1.90 -7.44 3.04
N ALA A 14 1.84 -6.18 2.63
CA ALA A 14 2.39 -5.08 3.43
C ALA A 14 1.54 -4.83 4.67
N LYS A 15 0.22 -4.94 4.51
CA LYS A 15 -0.69 -4.71 5.62
C LYS A 15 -0.59 -5.84 6.65
N SER A 16 -0.18 -7.02 6.19
CA SER A 16 -0.04 -8.18 7.07
C SER A 16 1.36 -8.23 7.67
N VAL A 17 2.37 -8.21 6.80
CA VAL A 17 3.75 -8.26 7.25
C VAL A 17 4.14 -6.98 7.98
N GLY A 18 3.43 -5.90 7.68
CA GLY A 18 3.71 -4.62 8.32
C GLY A 18 4.74 -3.82 7.57
N ASN A 19 4.62 -3.78 6.25
CA ASN A 19 5.55 -3.03 5.41
C ASN A 19 4.99 -1.66 5.06
N CYS A 20 3.68 -1.51 5.17
CA CYS A 20 3.02 -0.24 4.87
C CYS A 20 3.74 0.91 5.55
N SER A 21 4.33 0.65 6.72
CA SER A 21 5.04 1.67 7.46
C SER A 21 5.99 2.43 6.56
N SER A 22 6.55 1.75 5.57
CA SER A 22 7.48 2.36 4.63
C SER A 22 6.76 3.37 3.73
N GLU A 23 7.46 3.84 2.70
CA GLU A 23 6.90 4.80 1.77
C GLU A 23 6.89 4.25 0.34
N LYS A 24 7.88 3.41 0.04
CA LYS A 24 8.00 2.81 -1.28
C LYS A 24 6.67 2.18 -1.70
N TYR A 25 5.90 1.72 -0.73
CA TYR A 25 4.61 1.10 -1.01
C TYR A 25 3.49 1.78 -0.22
N LYS A 26 3.55 3.10 -0.15
CA LYS A 26 2.54 3.87 0.58
C LYS A 26 1.84 4.85 -0.35
N ARG A 27 2.58 5.40 -1.31
CA ARG A 27 2.03 6.34 -2.26
C ARG A 27 1.20 5.64 -3.33
N ASN A 28 1.72 4.51 -3.83
CA ASN A 28 1.04 3.74 -4.85
C ASN A 28 -0.23 3.10 -4.30
N CYS A 29 -0.05 2.16 -3.38
CA CYS A 29 -1.18 1.47 -2.76
C CYS A 29 -1.78 2.31 -1.64
N ALA A 30 -2.17 3.54 -1.96
CA ALA A 30 -2.76 4.44 -0.99
C ALA A 30 -4.10 3.91 -0.50
N ILE A 31 -4.85 3.28 -1.40
CA ILE A 31 -6.15 2.72 -1.06
C ILE A 31 -6.04 1.65 0.01
N THR A 32 -4.92 0.92 0.00
CA THR A 32 -4.67 -0.15 0.97
C THR A 32 -3.97 0.39 2.20
N CYS A 33 -2.81 1.03 1.99
CA CYS A 33 -2.04 1.60 3.09
C CYS A 33 -2.89 2.56 3.92
N GLY A 34 -3.43 3.57 3.26
CA GLY A 34 -4.26 4.55 3.94
C GLY A 34 -3.64 5.93 3.94
N ALA A 35 -3.00 6.30 2.83
CA ALA A 35 -2.36 7.60 2.70
C ALA A 35 -2.79 8.30 1.42
N CYS A 36 -4.07 8.67 1.36
CA CYS A 36 -4.62 9.35 0.19
C CYS A 36 -4.58 10.86 0.38
#